data_2QMU
#
_entry.id   2QMU
#
_cell.length_a   118.323
_cell.length_b   118.323
_cell.length_c   161.449
_cell.angle_alpha   90.00
_cell.angle_beta   90.00
_cell.angle_gamma   120.00
#
_symmetry.space_group_name_H-M   'P 32 2 1'
#
loop_
_entity.id
_entity.type
_entity.pdbx_description
1 polymer 'Translation initiation factor 2 gamma subunit'
2 polymer 'Translation initiation factor 2 alpha subunit'
3 polymer 'Translation initiation factor 2 beta subunit'
4 non-polymer 'PHOSPHATE ION'
5 non-polymer "GUANOSINE-5'-DIPHOSPHATE"
6 non-polymer 'ZINC ION'
7 water water
#
loop_
_entity_poly.entity_id
_entity_poly.type
_entity_poly.pdbx_seq_one_letter_code
_entity_poly.pdbx_strand_id
1 'polypeptide(L)'
;AWPKVQPEVNIGVVGHVDHGKTTLVQAITGIWTSKHSEELKRGMTIKLGYAETNIGVCESCKKPEAYVTEPSCKSCGSDD
EPKFLRRISFIDAPGHEVLMATMLSGAALMDGAILVVAANEPFPQPQTREHFVALGIIGVKNLIIVQNKVDVVSKEEALS
QYRQIKQFTKGTWAENVPIIPVSALHKINIDSLIEGIEEYIKTPYRDLSQKPVMLVIRSFDVNKPGTQFNELKGGVIGGS
IIQGLFKVDQEIKVLPGLRVEKQGKVSYEPIFTKISSIRFGDEEFKEAKPGGLVAIGTYLDPSLTKADNLLGSIITLADA
EVPVLWNIRIKYNLLERVVGAKEMLKVDPIRAKETLMLSVGSSTTLGIVTSVKKDEIEVELRRPVAVWSNNIRTVISRQI
AGRWRMIGWGLVEI
;
A
2 'polypeptide(L)'
;MRKVKMSGLITVRTNEPLGVEKIKEVISKALENIEQDYESLLNIKIYTIGAPRYRVDVVGTNPKEASEALNQIISNLIKI
GKEENVDISVVKK
;
B
3 'polypeptide(L)'
;SSEKEYVEMLDRLYSKLPEKGRKEGTQSLPNMIILNIGNTTIIRNFAEYCDRIRREDKICMKYLLKELAAPGNVDDKGEL
VIQGKFSSQVINTLMERFLKAYVECSTCKSLDTILKKEKKSWYIVCLACGAQTPVKPL
;
C
#
loop_
_chem_comp.id
_chem_comp.type
_chem_comp.name
_chem_comp.formula
GDP RNA linking GUANOSINE-5'-DIPHOSPHATE 'C10 H15 N5 O11 P2'
PO4 non-polymer 'PHOSPHATE ION' 'O4 P -3'
ZN non-polymer 'ZINC ION' 'Zn 2'
#
# COMPACT_ATOMS: atom_id res chain seq x y z
N ALA A 1 5.74 -20.65 17.66
CA ALA A 1 6.50 -20.62 16.37
C ALA A 1 5.56 -20.62 15.16
N TRP A 2 5.34 -19.45 14.57
CA TRP A 2 4.46 -19.35 13.40
C TRP A 2 5.27 -19.31 12.12
N PRO A 3 4.66 -19.76 11.01
CA PRO A 3 5.29 -19.81 9.68
C PRO A 3 5.41 -18.48 8.91
N LYS A 4 6.62 -18.17 8.46
CA LYS A 4 6.83 -16.97 7.67
C LYS A 4 6.43 -17.33 6.23
N VAL A 5 5.14 -17.22 5.97
CA VAL A 5 4.51 -17.54 4.68
C VAL A 5 4.07 -16.27 3.92
N GLN A 6 3.91 -16.36 2.60
CA GLN A 6 3.47 -15.21 1.79
C GLN A 6 1.94 -15.07 1.87
N PRO A 7 1.39 -13.89 1.54
CA PRO A 7 -0.07 -13.71 1.60
C PRO A 7 -0.79 -14.83 0.86
N GLU A 8 -1.99 -15.15 1.29
CA GLU A 8 -2.77 -16.20 0.68
C GLU A 8 -3.87 -15.65 -0.21
N VAL A 9 -4.49 -14.58 0.26
CA VAL A 9 -5.59 -13.93 -0.44
C VAL A 9 -5.44 -12.40 -0.31
N ASN A 10 -5.91 -11.66 -1.30
CA ASN A 10 -5.85 -10.20 -1.21
C ASN A 10 -7.24 -9.68 -0.97
N ILE A 11 -7.43 -9.03 0.17
CA ILE A 11 -8.72 -8.43 0.49
C ILE A 11 -8.54 -6.91 0.38
N GLY A 12 -9.22 -6.29 -0.57
CA GLY A 12 -9.09 -4.87 -0.72
C GLY A 12 -10.11 -4.21 0.18
N VAL A 13 -9.91 -2.92 0.46
CA VAL A 13 -10.87 -2.18 1.28
C VAL A 13 -11.34 -0.97 0.48
N VAL A 14 -12.59 -1.07 0.08
CA VAL A 14 -13.30 -0.13 -0.74
C VAL A 14 -14.24 0.72 0.09
N GLY A 15 -14.97 1.64 -0.55
CA GLY A 15 -15.88 2.51 0.18
C GLY A 15 -15.79 3.96 -0.31
N HIS A 16 -16.46 4.89 0.37
CA HIS A 16 -16.45 6.29 -0.04
C HIS A 16 -15.18 7.01 0.44
N VAL A 17 -15.32 8.29 0.75
CA VAL A 17 -14.19 9.08 1.22
C VAL A 17 -14.42 9.48 2.66
N ASP A 18 -13.35 9.50 3.45
CA ASP A 18 -13.45 9.86 4.86
C ASP A 18 -14.19 8.80 5.68
N HIS A 19 -14.63 7.72 5.03
CA HIS A 19 -15.37 6.67 5.75
C HIS A 19 -14.60 5.70 6.63
N GLY A 20 -13.32 5.96 6.84
CA GLY A 20 -12.54 5.09 7.72
C GLY A 20 -11.80 3.89 7.16
N LYS A 21 -11.91 3.67 5.87
CA LYS A 21 -11.25 2.53 5.29
C LYS A 21 -9.73 2.59 5.21
N THR A 22 -9.09 3.12 6.24
CA THR A 22 -7.62 3.15 6.27
C THR A 22 -7.29 3.01 7.74
N THR A 23 -8.16 3.61 8.54
CA THR A 23 -8.10 3.58 9.98
C THR A 23 -8.47 2.15 10.30
N LEU A 24 -9.37 1.61 9.47
CA LEU A 24 -9.83 0.24 9.60
C LEU A 24 -8.74 -0.74 9.21
N VAL A 25 -8.14 -0.56 8.04
CA VAL A 25 -7.09 -1.47 7.61
C VAL A 25 -6.01 -1.68 8.67
N GLN A 26 -5.86 -0.71 9.57
CA GLN A 26 -4.85 -0.82 10.61
C GLN A 26 -5.50 -1.27 11.92
N ALA A 27 -6.80 -1.04 12.05
CA ALA A 27 -7.55 -1.46 13.22
C ALA A 27 -7.54 -2.97 13.17
N ILE A 28 -6.95 -3.50 12.10
CA ILE A 28 -6.85 -4.93 11.84
C ILE A 28 -5.39 -5.33 11.77
N THR A 29 -4.67 -4.83 10.78
CA THR A 29 -3.26 -5.15 10.63
C THR A 29 -2.37 -4.45 11.64
N GLY A 30 -2.82 -3.30 12.12
CA GLY A 30 -2.02 -2.55 13.07
C GLY A 30 -0.96 -1.81 12.30
N ILE A 31 -1.27 -1.55 11.03
CA ILE A 31 -0.36 -0.85 10.16
C ILE A 31 -1.01 0.35 9.49
N TRP A 32 -0.29 1.49 9.56
CA TRP A 32 -0.76 2.72 8.94
C TRP A 32 -0.21 2.80 7.52
N THR A 33 -1.14 2.64 6.59
CA THR A 33 -0.89 2.63 5.15
C THR A 33 -0.76 4.03 4.57
N SER A 34 0.33 4.24 3.83
CA SER A 34 0.63 5.51 3.21
C SER A 34 -0.27 5.97 2.06
N LYS A 35 -1.42 5.33 1.87
CA LYS A 35 -2.32 5.74 0.81
C LYS A 35 -2.69 7.22 0.97
N HIS A 36 -2.71 7.69 2.21
CA HIS A 36 -3.08 9.06 2.54
C HIS A 36 -1.93 10.03 2.77
N SER A 37 -0.79 9.86 2.13
CA SER A 37 0.27 10.84 2.36
C SER A 37 1.04 11.16 1.09
N GLU A 38 1.84 12.22 1.17
CA GLU A 38 2.65 12.65 0.03
C GLU A 38 4.03 11.99 0.12
N GLU A 39 4.36 11.18 -0.87
CA GLU A 39 5.63 10.45 -0.90
C GLU A 39 6.54 10.80 -2.05
N LEU A 40 7.68 11.40 -1.74
CA LEU A 40 8.64 11.71 -2.76
C LEU A 40 9.71 10.63 -2.58
N LYS A 41 9.74 9.60 -3.42
CA LYS A 41 10.77 8.56 -3.27
C LYS A 41 10.77 7.40 -4.31
N ARG A 42 10.77 6.18 -3.80
CA ARG A 42 10.76 4.98 -4.65
C ARG A 42 9.31 4.56 -4.54
N GLY A 43 8.97 3.43 -5.15
CA GLY A 43 7.64 2.87 -5.03
C GLY A 43 6.35 3.60 -5.39
N MET A 44 5.36 3.48 -4.51
CA MET A 44 4.02 4.02 -4.73
C MET A 44 3.88 5.47 -5.22
N THR A 45 3.35 5.58 -6.43
CA THR A 45 3.14 6.86 -7.12
C THR A 45 1.67 6.91 -7.47
N ILE A 46 0.92 6.01 -6.85
CA ILE A 46 -0.51 5.91 -7.04
C ILE A 46 -1.07 5.82 -5.65
N LYS A 47 -2.27 6.35 -5.46
CA LYS A 47 -2.88 6.30 -4.15
C LYS A 47 -3.48 4.93 -3.83
N LEU A 48 -2.61 3.98 -3.50
CA LEU A 48 -3.03 2.65 -3.13
C LEU A 48 -2.31 2.28 -1.87
N GLY A 49 -3.03 1.72 -0.89
CA GLY A 49 -2.38 1.30 0.34
C GLY A 49 -2.25 -0.21 0.43
N TYR A 50 -1.25 -0.70 1.14
CA TYR A 50 -1.08 -2.14 1.29
C TYR A 50 -0.84 -2.48 2.75
N ALA A 51 -1.31 -3.62 3.22
CA ALA A 51 -1.10 -4.01 4.63
C ALA A 51 -1.26 -5.52 4.89
N GLU A 52 -0.16 -6.19 5.21
CA GLU A 52 -0.19 -7.63 5.50
C GLU A 52 -0.31 -7.96 6.99
N THR A 53 -0.97 -9.07 7.29
CA THR A 53 -1.13 -9.52 8.67
C THR A 53 -1.29 -11.04 8.73
N ASN A 54 -1.02 -11.63 9.89
CA ASN A 54 -1.20 -13.07 10.05
C ASN A 54 -2.53 -13.27 10.78
N ILE A 55 -3.12 -14.44 10.64
CA ILE A 55 -4.39 -14.70 11.31
C ILE A 55 -4.35 -16.03 12.06
N GLY A 56 -4.26 -15.96 13.39
CA GLY A 56 -4.25 -17.17 14.19
C GLY A 56 -5.59 -17.37 14.88
N VAL A 57 -5.64 -18.34 15.78
CA VAL A 57 -6.85 -18.63 16.56
C VAL A 57 -6.51 -19.46 17.78
N CYS A 58 -7.17 -19.15 18.89
CA CYS A 58 -6.97 -19.86 20.15
C CYS A 58 -8.20 -20.69 20.35
N GLU A 59 -8.06 -21.99 20.11
CA GLU A 59 -9.15 -22.91 20.24
C GLU A 59 -9.47 -23.12 21.71
N SER A 60 -8.80 -22.35 22.57
CA SER A 60 -8.99 -22.39 24.00
C SER A 60 -9.97 -21.30 24.44
N CYS A 61 -10.21 -20.31 23.58
CA CYS A 61 -11.12 -19.23 23.90
C CYS A 61 -12.37 -19.29 23.07
N LYS A 62 -13.29 -18.37 23.34
CA LYS A 62 -14.55 -18.31 22.62
C LYS A 62 -14.55 -17.24 21.53
N LYS A 63 -15.41 -17.43 20.54
CA LYS A 63 -15.52 -16.47 19.44
C LYS A 63 -16.22 -15.22 19.98
N PRO A 64 -15.91 -14.04 19.42
CA PRO A 64 -14.92 -13.84 18.36
C PRO A 64 -13.61 -13.45 19.02
N GLU A 65 -13.73 -13.19 20.32
CA GLU A 65 -12.61 -12.80 21.19
C GLU A 65 -11.49 -13.84 21.06
N ALA A 66 -11.72 -14.83 20.21
CA ALA A 66 -10.79 -15.93 19.98
C ALA A 66 -9.61 -15.61 19.05
N TYR A 67 -9.90 -15.09 17.86
CA TYR A 67 -8.88 -14.79 16.85
C TYR A 67 -7.85 -13.74 17.21
N VAL A 68 -6.60 -14.01 16.85
CA VAL A 68 -5.50 -13.10 17.15
C VAL A 68 -4.79 -12.67 15.87
N THR A 69 -3.79 -11.82 16.01
CA THR A 69 -3.04 -11.31 14.86
C THR A 69 -1.57 -11.52 15.10
N GLU A 70 -1.22 -11.86 16.34
CA GLU A 70 0.16 -12.09 16.73
C GLU A 70 0.29 -13.48 17.35
N PRO A 71 1.52 -13.98 17.51
CA PRO A 71 1.70 -15.33 18.09
C PRO A 71 1.00 -15.42 19.45
N SER A 72 1.10 -14.36 20.25
CA SER A 72 0.50 -14.31 21.57
C SER A 72 -0.97 -14.69 21.64
N CYS A 73 -1.49 -14.75 22.86
CA CYS A 73 -2.86 -15.14 23.08
C CYS A 73 -3.41 -14.50 24.36
N LYS A 74 -2.73 -13.47 24.83
CA LYS A 74 -3.12 -12.74 26.02
C LYS A 74 -4.47 -12.08 25.74
N SER A 75 -4.60 -11.62 24.49
CA SER A 75 -5.81 -10.96 23.99
C SER A 75 -7.12 -11.71 24.21
N CYS A 76 -7.06 -12.85 24.89
CA CYS A 76 -8.25 -13.64 25.17
C CYS A 76 -8.22 -14.21 26.58
N GLY A 77 -7.21 -13.82 27.37
CA GLY A 77 -7.08 -14.28 28.74
C GLY A 77 -6.68 -15.74 28.83
N SER A 78 -5.73 -16.15 27.99
CA SER A 78 -5.26 -17.54 27.94
C SER A 78 -3.79 -17.62 27.52
N ASP A 79 -3.32 -18.82 27.27
CA ASP A 79 -1.93 -19.01 26.85
C ASP A 79 -1.72 -20.15 25.86
N ASP A 80 -2.64 -21.11 25.83
CA ASP A 80 -2.52 -22.24 24.90
C ASP A 80 -2.33 -21.59 23.53
N GLU A 81 -1.12 -21.73 22.95
CA GLU A 81 -0.82 -21.12 21.66
C GLU A 81 -1.91 -21.27 20.62
N PRO A 82 -2.19 -20.20 19.87
CA PRO A 82 -3.21 -20.17 18.82
C PRO A 82 -2.65 -20.71 17.51
N LYS A 83 -3.45 -21.48 16.78
CA LYS A 83 -2.93 -22.03 15.54
C LYS A 83 -3.02 -21.07 14.38
N PHE A 84 -1.91 -20.96 13.65
CA PHE A 84 -1.81 -20.10 12.48
C PHE A 84 -2.86 -20.52 11.44
N LEU A 85 -3.74 -19.61 11.04
CA LEU A 85 -4.75 -19.96 10.04
C LEU A 85 -4.27 -19.65 8.63
N ARG A 86 -4.06 -18.37 8.34
CA ARG A 86 -3.58 -17.94 7.04
C ARG A 86 -2.75 -16.69 7.24
N ARG A 87 -2.55 -15.96 6.15
CA ARG A 87 -1.79 -14.73 6.13
C ARG A 87 -2.46 -13.98 5.00
N ILE A 88 -3.06 -12.85 5.35
CA ILE A 88 -3.77 -12.05 4.37
C ILE A 88 -3.19 -10.65 4.20
N SER A 89 -3.58 -9.98 3.14
CA SER A 89 -3.10 -8.63 2.89
C SER A 89 -4.21 -7.78 2.31
N PHE A 90 -4.31 -6.56 2.81
CA PHE A 90 -5.34 -5.62 2.35
C PHE A 90 -4.76 -4.58 1.38
N ILE A 91 -5.57 -4.26 0.37
CA ILE A 91 -5.23 -3.26 -0.62
C ILE A 91 -6.08 -2.08 -0.18
N ASP A 92 -5.41 -0.97 0.16
CA ASP A 92 -6.06 0.25 0.61
C ASP A 92 -6.50 1.05 -0.63
N ALA A 93 -7.80 1.17 -0.80
CA ALA A 93 -8.34 1.86 -1.96
C ALA A 93 -8.69 3.31 -1.70
N PRO A 94 -8.51 4.16 -2.73
CA PRO A 94 -8.79 5.59 -2.74
C PRO A 94 -10.28 5.78 -2.92
N GLY A 95 -10.93 6.39 -1.94
CA GLY A 95 -12.36 6.60 -2.03
C GLY A 95 -12.80 7.88 -2.75
N HIS A 96 -11.83 8.68 -3.20
CA HIS A 96 -12.15 9.94 -3.89
C HIS A 96 -12.66 9.80 -5.30
N GLU A 97 -13.79 10.45 -5.53
CA GLU A 97 -14.47 10.47 -6.82
C GLU A 97 -13.53 10.66 -8.00
N VAL A 98 -12.59 11.60 -7.89
CA VAL A 98 -11.64 11.81 -8.97
C VAL A 98 -10.85 10.52 -9.18
N LEU A 99 -9.98 10.21 -8.23
CA LEU A 99 -9.12 9.04 -8.24
C LEU A 99 -9.71 7.69 -8.66
N MET A 100 -11.02 7.66 -8.94
CA MET A 100 -11.69 6.43 -9.35
C MET A 100 -10.94 5.49 -10.31
N ALA A 101 -10.19 6.03 -11.25
CA ALA A 101 -9.47 5.15 -12.18
C ALA A 101 -8.30 4.38 -11.54
N THR A 102 -7.86 4.77 -10.36
CA THR A 102 -6.77 4.05 -9.70
C THR A 102 -7.36 3.06 -8.69
N MET A 103 -8.68 3.02 -8.63
CA MET A 103 -9.37 2.10 -7.76
C MET A 103 -9.60 0.87 -8.61
N LEU A 104 -10.14 1.09 -9.81
CA LEU A 104 -10.37 0.00 -10.74
C LEU A 104 -9.08 -0.74 -11.02
N SER A 105 -7.97 -0.17 -10.60
CA SER A 105 -6.70 -0.82 -10.84
C SER A 105 -6.32 -1.63 -9.63
N GLY A 106 -6.73 -1.14 -8.47
CA GLY A 106 -6.45 -1.86 -7.25
C GLY A 106 -7.39 -3.05 -7.19
N ALA A 107 -8.55 -2.92 -7.83
CA ALA A 107 -9.56 -3.95 -7.87
C ALA A 107 -9.09 -5.15 -8.67
N ALA A 108 -8.36 -4.90 -9.75
CA ALA A 108 -7.85 -5.99 -10.56
C ALA A 108 -6.73 -6.71 -9.83
N LEU A 109 -6.61 -6.49 -8.54
CA LEU A 109 -5.61 -7.16 -7.73
C LEU A 109 -6.38 -7.74 -6.56
N MET A 110 -7.65 -7.36 -6.50
CA MET A 110 -8.58 -7.77 -5.46
C MET A 110 -9.04 -9.20 -5.64
N ASP A 111 -9.12 -9.92 -4.52
CA ASP A 111 -9.56 -11.32 -4.45
C ASP A 111 -10.92 -11.40 -3.80
N GLY A 112 -11.13 -10.48 -2.88
CA GLY A 112 -12.37 -10.36 -2.13
C GLY A 112 -12.13 -9.07 -1.37
N ALA A 113 -13.17 -8.38 -0.93
CA ALA A 113 -12.96 -7.13 -0.22
C ALA A 113 -13.98 -6.82 0.86
N ILE A 114 -13.91 -5.59 1.36
CA ILE A 114 -14.81 -5.08 2.40
C ILE A 114 -15.24 -3.69 1.96
N LEU A 115 -16.54 -3.43 2.00
CA LEU A 115 -17.13 -2.13 1.61
C LEU A 115 -17.43 -1.29 2.86
N VAL A 116 -16.50 -0.42 3.26
CA VAL A 116 -16.71 0.41 4.45
C VAL A 116 -17.82 1.43 4.22
N VAL A 117 -18.68 1.59 5.22
CA VAL A 117 -19.82 2.48 5.13
C VAL A 117 -20.05 3.24 6.42
N ALA A 118 -19.76 4.54 6.40
CA ALA A 118 -19.95 5.37 7.58
C ALA A 118 -21.42 5.45 8.00
N ALA A 119 -21.64 5.42 9.31
CA ALA A 119 -22.98 5.46 9.89
C ALA A 119 -23.56 6.89 9.98
N ASN A 120 -22.71 7.88 10.20
CA ASN A 120 -23.18 9.26 10.33
C ASN A 120 -23.66 9.95 9.05
N GLU A 121 -23.36 9.38 7.88
CA GLU A 121 -23.79 10.02 6.65
C GLU A 121 -24.85 9.20 5.95
N PRO A 122 -25.70 9.86 5.15
CA PRO A 122 -26.76 9.13 4.44
C PRO A 122 -26.17 7.99 3.60
N PHE A 123 -26.98 6.96 3.33
CA PHE A 123 -26.55 5.81 2.53
C PHE A 123 -27.44 5.61 1.31
N PRO A 124 -26.84 5.25 0.15
CA PRO A 124 -25.41 5.04 -0.04
C PRO A 124 -24.72 6.26 -0.65
N GLN A 125 -23.45 6.46 -0.35
CA GLN A 125 -22.76 7.61 -0.92
C GLN A 125 -22.32 7.31 -2.35
N PRO A 126 -21.92 8.35 -3.09
CA PRO A 126 -21.47 8.25 -4.49
C PRO A 126 -20.52 7.10 -4.74
N GLN A 127 -19.31 7.18 -4.19
CA GLN A 127 -18.32 6.13 -4.39
C GLN A 127 -18.68 4.87 -3.61
N THR A 128 -19.49 5.03 -2.56
CA THR A 128 -19.94 3.88 -1.79
C THR A 128 -20.67 3.01 -2.81
N ARG A 129 -21.55 3.64 -3.58
CA ARG A 129 -22.31 2.96 -4.61
C ARG A 129 -21.44 2.58 -5.80
N GLU A 130 -20.77 3.57 -6.40
CA GLU A 130 -19.93 3.31 -7.55
C GLU A 130 -19.01 2.13 -7.22
N HIS A 131 -18.14 2.33 -6.23
CA HIS A 131 -17.20 1.29 -5.80
C HIS A 131 -17.81 -0.09 -5.67
N PHE A 132 -19.05 -0.12 -5.19
CA PHE A 132 -19.80 -1.37 -5.01
C PHE A 132 -19.95 -2.03 -6.38
N VAL A 133 -20.79 -1.43 -7.22
CA VAL A 133 -21.04 -1.98 -8.56
C VAL A 133 -19.74 -2.13 -9.36
N ALA A 134 -18.67 -1.53 -8.87
CA ALA A 134 -17.38 -1.66 -9.55
C ALA A 134 -16.95 -3.10 -9.26
N LEU A 135 -17.02 -3.46 -7.99
CA LEU A 135 -16.66 -4.80 -7.53
C LEU A 135 -17.47 -5.84 -8.30
N GLY A 136 -18.78 -5.56 -8.42
CA GLY A 136 -19.65 -6.45 -9.15
C GLY A 136 -19.07 -6.75 -10.51
N ILE A 137 -18.92 -5.71 -11.32
CA ILE A 137 -18.37 -5.87 -12.64
C ILE A 137 -17.01 -6.56 -12.67
N ILE A 138 -16.00 -5.97 -12.03
CA ILE A 138 -14.68 -6.59 -12.09
C ILE A 138 -14.61 -8.09 -11.77
N GLY A 139 -15.53 -8.61 -10.97
CA GLY A 139 -15.49 -10.04 -10.69
C GLY A 139 -15.20 -10.57 -9.30
N VAL A 140 -15.70 -9.90 -8.27
CA VAL A 140 -15.49 -10.36 -6.92
C VAL A 140 -16.84 -10.89 -6.44
N LYS A 141 -16.81 -11.93 -5.60
CA LYS A 141 -18.06 -12.48 -5.09
C LYS A 141 -18.07 -12.41 -3.56
N ASN A 142 -16.88 -12.43 -2.99
CA ASN A 142 -16.71 -12.38 -1.53
C ASN A 142 -16.75 -10.95 -0.98
N LEU A 143 -17.89 -10.53 -0.45
CA LEU A 143 -18.01 -9.17 0.07
C LEU A 143 -18.58 -9.00 1.47
N ILE A 144 -17.85 -8.29 2.33
CA ILE A 144 -18.31 -8.01 3.70
C ILE A 144 -18.51 -6.50 3.78
N ILE A 145 -19.71 -6.07 4.17
CA ILE A 145 -20.04 -4.65 4.31
C ILE A 145 -19.82 -4.15 5.75
N VAL A 146 -18.70 -3.48 6.00
CA VAL A 146 -18.40 -2.96 7.33
C VAL A 146 -19.15 -1.67 7.67
N GLN A 147 -19.90 -1.72 8.77
CA GLN A 147 -20.67 -0.60 9.29
C GLN A 147 -19.74 0.10 10.27
N ASN A 148 -19.15 1.22 9.86
CA ASN A 148 -18.21 1.91 10.73
C ASN A 148 -18.73 3.19 11.38
N LYS A 149 -17.94 3.64 12.35
CA LYS A 149 -18.20 4.86 13.11
C LYS A 149 -19.61 4.86 13.68
N VAL A 150 -19.86 3.96 14.63
CA VAL A 150 -21.16 3.87 15.26
C VAL A 150 -21.00 4.51 16.64
N ASP A 151 -19.74 4.66 17.04
CA ASP A 151 -19.38 5.25 18.32
C ASP A 151 -19.59 6.74 18.25
N VAL A 152 -20.52 7.15 17.38
CA VAL A 152 -20.86 8.53 17.16
C VAL A 152 -22.24 8.56 16.55
N VAL A 153 -22.99 7.49 16.77
CA VAL A 153 -24.35 7.37 16.27
C VAL A 153 -25.19 6.60 17.30
N SER A 154 -26.50 6.83 17.30
CA SER A 154 -27.37 6.15 18.26
C SER A 154 -27.69 4.73 17.80
N LYS A 155 -27.82 3.82 18.77
CA LYS A 155 -28.15 2.42 18.47
C LYS A 155 -29.41 2.49 17.60
N GLU A 156 -30.31 3.37 18.00
CA GLU A 156 -31.56 3.57 17.31
C GLU A 156 -31.29 3.90 15.84
N GLU A 157 -30.13 4.51 15.58
CA GLU A 157 -29.75 4.88 14.22
C GLU A 157 -29.01 3.78 13.48
N ALA A 158 -27.87 3.36 14.03
CA ALA A 158 -27.05 2.31 13.41
C ALA A 158 -27.94 1.21 12.86
N LEU A 159 -29.09 1.02 13.50
CA LEU A 159 -30.05 0.02 13.06
C LEU A 159 -30.81 0.55 11.87
N SER A 160 -31.28 1.79 11.99
CA SER A 160 -32.03 2.44 10.92
C SER A 160 -31.31 2.23 9.58
N GLN A 161 -30.03 2.60 9.54
CA GLN A 161 -29.25 2.46 8.33
C GLN A 161 -29.14 0.99 7.97
N TYR A 162 -28.76 0.18 8.96
CA TYR A 162 -28.61 -1.25 8.76
C TYR A 162 -29.70 -1.76 7.82
N ARG A 163 -30.93 -1.43 8.15
CA ARG A 163 -32.08 -1.85 7.36
C ARG A 163 -31.87 -1.51 5.88
N GLN A 164 -31.48 -0.27 5.62
CA GLN A 164 -31.26 0.20 4.25
C GLN A 164 -30.14 -0.55 3.54
N ILE A 165 -28.96 -0.59 4.16
CA ILE A 165 -27.84 -1.30 3.56
C ILE A 165 -28.30 -2.66 3.09
N LYS A 166 -29.31 -3.18 3.76
CA LYS A 166 -29.83 -4.49 3.41
C LYS A 166 -30.77 -4.46 2.24
N GLN A 167 -31.84 -3.68 2.32
CA GLN A 167 -32.75 -3.64 1.18
C GLN A 167 -31.99 -3.26 -0.08
N PHE A 168 -31.01 -2.39 0.06
CA PHE A 168 -30.20 -1.96 -1.08
C PHE A 168 -29.57 -3.20 -1.71
N THR A 169 -29.25 -4.16 -0.86
CA THR A 169 -28.61 -5.40 -1.26
C THR A 169 -29.45 -6.42 -2.04
N LYS A 170 -30.76 -6.43 -1.83
CA LYS A 170 -31.61 -7.38 -2.55
C LYS A 170 -31.29 -7.38 -4.05
N GLY A 171 -31.57 -8.50 -4.71
CA GLY A 171 -31.34 -8.62 -6.15
C GLY A 171 -29.92 -8.43 -6.64
N THR A 172 -29.04 -7.97 -5.75
CA THR A 172 -27.65 -7.74 -6.13
C THR A 172 -26.82 -9.01 -5.98
N TRP A 173 -25.70 -9.05 -6.70
CA TRP A 173 -24.79 -10.18 -6.67
C TRP A 173 -24.33 -10.47 -5.24
N ALA A 174 -24.51 -9.49 -4.36
CA ALA A 174 -24.13 -9.64 -2.96
C ALA A 174 -25.39 -9.52 -2.09
N GLU A 175 -26.46 -10.16 -2.55
CA GLU A 175 -27.76 -10.12 -1.90
C GLU A 175 -27.87 -10.60 -0.46
N ASN A 176 -26.84 -11.24 0.04
CA ASN A 176 -26.91 -11.76 1.39
C ASN A 176 -25.58 -11.54 2.08
N VAL A 177 -25.01 -10.34 1.90
CA VAL A 177 -23.72 -10.00 2.47
C VAL A 177 -23.79 -9.60 3.94
N PRO A 178 -22.72 -9.90 4.71
CA PRO A 178 -22.58 -9.60 6.13
C PRO A 178 -22.60 -8.06 6.36
N ILE A 179 -22.68 -7.62 7.62
CA ILE A 179 -22.68 -6.18 7.91
C ILE A 179 -22.01 -5.86 9.27
N ILE A 180 -21.02 -6.64 9.63
CA ILE A 180 -20.27 -6.48 10.87
C ILE A 180 -20.02 -5.03 11.35
N PRO A 181 -20.92 -4.46 12.20
CA PRO A 181 -20.72 -3.08 12.68
C PRO A 181 -19.50 -2.92 13.60
N VAL A 182 -18.67 -1.92 13.33
CA VAL A 182 -17.46 -1.70 14.12
C VAL A 182 -17.10 -0.25 14.46
N SER A 183 -15.88 -0.04 14.97
CA SER A 183 -15.39 1.29 15.29
C SER A 183 -13.89 1.29 15.10
N ALA A 184 -13.46 1.26 13.86
CA ALA A 184 -12.05 1.26 13.56
C ALA A 184 -11.22 2.20 14.45
N LEU A 185 -11.76 3.37 14.79
CA LEU A 185 -11.02 4.33 15.62
C LEU A 185 -10.68 3.75 16.98
N HIS A 186 -11.73 3.26 17.65
CA HIS A 186 -11.56 2.66 18.97
C HIS A 186 -11.10 1.21 18.89
N LYS A 187 -10.96 0.70 17.67
CA LYS A 187 -10.52 -0.68 17.45
C LYS A 187 -11.48 -1.62 18.18
N ILE A 188 -12.77 -1.36 18.03
CA ILE A 188 -13.79 -2.17 18.68
C ILE A 188 -14.62 -2.98 17.69
N ASN A 189 -14.74 -4.28 17.94
CA ASN A 189 -15.46 -5.22 17.09
C ASN A 189 -14.64 -5.63 15.87
N ILE A 190 -13.33 -5.41 15.98
CA ILE A 190 -12.40 -5.75 14.93
C ILE A 190 -12.34 -7.27 14.83
N ASP A 191 -12.33 -7.92 16.01
CA ASP A 191 -12.30 -9.37 16.11
C ASP A 191 -13.52 -9.99 15.44
N SER A 192 -14.67 -9.33 15.57
CA SER A 192 -15.87 -9.83 14.94
C SER A 192 -15.70 -9.78 13.42
N LEU A 193 -14.89 -8.81 12.97
CA LEU A 193 -14.60 -8.65 11.54
C LEU A 193 -13.64 -9.74 11.13
N ILE A 194 -12.59 -9.96 11.90
CA ILE A 194 -11.62 -11.00 11.59
C ILE A 194 -12.28 -12.37 11.47
N GLU A 195 -13.43 -12.55 12.13
CA GLU A 195 -14.13 -13.81 12.04
C GLU A 195 -14.93 -13.76 10.75
N GLY A 196 -15.39 -12.55 10.41
CA GLY A 196 -16.14 -12.35 9.19
C GLY A 196 -15.32 -12.61 7.95
N ILE A 197 -14.13 -12.02 7.88
CA ILE A 197 -13.26 -12.23 6.73
C ILE A 197 -12.70 -13.64 6.71
N GLU A 198 -12.83 -14.30 7.85
CA GLU A 198 -12.34 -15.66 8.00
C GLU A 198 -13.45 -16.60 7.57
N GLU A 199 -14.65 -16.10 7.76
CA GLU A 199 -15.88 -16.80 7.46
C GLU A 199 -16.36 -16.60 6.03
N TYR A 200 -16.35 -15.35 5.55
CA TYR A 200 -16.84 -15.01 4.21
C TYR A 200 -15.86 -14.75 3.07
N ILE A 201 -14.59 -14.54 3.38
CA ILE A 201 -13.64 -14.32 2.31
C ILE A 201 -12.53 -15.36 2.49
N LYS A 202 -12.67 -16.47 1.79
CA LYS A 202 -11.68 -17.53 1.91
C LYS A 202 -10.79 -17.67 0.70
N THR A 203 -9.51 -17.96 0.94
CA THR A 203 -8.55 -18.09 -0.14
C THR A 203 -9.15 -18.92 -1.27
N PRO A 204 -9.09 -18.41 -2.52
CA PRO A 204 -9.66 -19.24 -3.60
C PRO A 204 -8.68 -20.28 -4.12
N TYR A 205 -9.19 -21.23 -4.90
CA TYR A 205 -8.34 -22.30 -5.46
C TYR A 205 -7.40 -21.77 -6.51
N ARG A 206 -6.12 -22.04 -6.32
CA ARG A 206 -5.13 -21.56 -7.27
C ARG A 206 -4.68 -22.62 -8.27
N ASP A 207 -5.18 -22.54 -9.50
CA ASP A 207 -4.80 -23.46 -10.56
C ASP A 207 -3.35 -23.14 -10.92
N LEU A 208 -2.40 -23.76 -10.21
CA LEU A 208 -1.00 -23.45 -10.47
C LEU A 208 -0.45 -24.01 -11.76
N SER A 209 -1.34 -24.30 -12.69
CA SER A 209 -0.92 -24.84 -13.97
C SER A 209 -1.08 -23.83 -15.11
N GLN A 210 -1.93 -22.82 -14.88
CA GLN A 210 -2.17 -21.83 -15.90
C GLN A 210 -0.92 -21.04 -16.20
N LYS A 211 -1.03 -20.26 -17.27
CA LYS A 211 0.03 -19.40 -17.73
C LYS A 211 0.31 -18.38 -16.65
N PRO A 212 1.60 -18.21 -16.28
CA PRO A 212 2.01 -17.23 -15.26
C PRO A 212 1.65 -15.84 -15.80
N VAL A 213 1.05 -15.03 -14.94
CA VAL A 213 0.63 -13.69 -15.33
C VAL A 213 0.57 -12.78 -14.12
N MET A 214 1.33 -11.69 -14.18
CA MET A 214 1.37 -10.70 -13.09
C MET A 214 1.00 -9.31 -13.58
N LEU A 215 0.22 -8.57 -12.79
CA LEU A 215 -0.17 -7.20 -13.09
C LEU A 215 0.75 -6.22 -12.35
N VAL A 216 1.38 -5.30 -13.07
CA VAL A 216 2.30 -4.36 -12.42
C VAL A 216 1.68 -3.02 -12.01
N ILE A 217 1.92 -2.58 -10.77
CA ILE A 217 1.41 -1.29 -10.31
C ILE A 217 2.53 -0.39 -9.78
N ARG A 218 3.77 -0.77 -10.01
CA ARG A 218 4.85 0.06 -9.56
C ARG A 218 6.19 -0.45 -9.99
N SER A 219 7.20 0.35 -9.77
CA SER A 219 8.53 -0.06 -10.11
C SER A 219 9.45 0.98 -9.51
N PHE A 220 10.68 0.56 -9.24
CA PHE A 220 11.64 1.46 -8.65
C PHE A 220 13.07 1.00 -8.83
N ASP A 221 13.98 1.84 -8.38
CA ASP A 221 15.39 1.56 -8.41
C ASP A 221 15.73 1.37 -6.92
N VAL A 222 16.20 0.20 -6.52
CA VAL A 222 16.52 -0.05 -5.12
C VAL A 222 17.86 0.58 -4.73
N ASN A 223 18.92 0.24 -5.48
CA ASN A 223 20.28 0.75 -5.32
C ASN A 223 20.29 2.15 -4.66
N LYS A 224 20.92 2.31 -3.50
CA LYS A 224 20.97 3.65 -2.88
C LYS A 224 21.93 4.53 -3.70
N PRO A 225 22.00 5.84 -3.43
CA PRO A 225 22.93 6.61 -4.25
C PRO A 225 24.34 6.24 -3.77
N GLY A 226 25.30 6.16 -4.68
CA GLY A 226 26.65 5.82 -4.27
C GLY A 226 27.08 4.37 -4.45
N THR A 227 26.17 3.45 -4.18
CA THR A 227 26.44 2.01 -4.33
C THR A 227 27.53 1.70 -5.36
N GLN A 228 28.52 0.91 -4.97
CA GLN A 228 29.60 0.55 -5.89
C GLN A 228 28.99 -0.09 -7.10
N PHE A 229 29.81 -0.47 -8.07
CA PHE A 229 29.27 -1.06 -9.29
C PHE A 229 28.95 -2.53 -9.19
N ASN A 230 29.46 -3.20 -8.17
CA ASN A 230 29.24 -4.63 -8.03
C ASN A 230 28.13 -5.05 -7.09
N GLU A 231 27.44 -4.09 -6.49
CA GLU A 231 26.34 -4.42 -5.60
C GLU A 231 25.06 -3.84 -6.18
N LEU A 232 25.09 -3.57 -7.48
CA LEU A 232 23.95 -3.01 -8.21
C LEU A 232 22.87 -4.07 -8.43
N LYS A 233 21.63 -3.69 -8.15
CA LYS A 233 20.48 -4.58 -8.34
C LYS A 233 19.74 -4.19 -9.61
N GLY A 234 19.20 -5.16 -10.33
CA GLY A 234 18.46 -4.84 -11.53
C GLY A 234 17.20 -4.12 -11.11
N GLY A 235 16.39 -3.71 -12.08
CA GLY A 235 15.16 -3.03 -11.74
C GLY A 235 14.31 -3.96 -10.91
N VAL A 236 13.30 -3.39 -10.26
CA VAL A 236 12.39 -4.15 -9.43
C VAL A 236 10.97 -3.82 -9.86
N ILE A 237 10.24 -4.83 -10.33
CA ILE A 237 8.87 -4.65 -10.77
C ILE A 237 7.99 -5.20 -9.67
N GLY A 238 6.95 -4.47 -9.32
CA GLY A 238 6.09 -4.94 -8.26
C GLY A 238 4.65 -5.00 -8.67
N GLY A 239 3.87 -5.84 -7.98
CA GLY A 239 2.47 -5.95 -8.32
C GLY A 239 1.74 -7.11 -7.64
N SER A 240 1.20 -8.01 -8.44
CA SER A 240 0.48 -9.17 -7.93
C SER A 240 0.40 -10.28 -8.98
N ILE A 241 0.78 -11.49 -8.62
CA ILE A 241 0.66 -12.59 -9.57
C ILE A 241 -0.83 -12.82 -9.54
N ILE A 242 -1.49 -12.76 -10.68
CA ILE A 242 -2.93 -12.94 -10.68
C ILE A 242 -3.34 -14.37 -11.04
N GLN A 243 -2.40 -15.15 -11.57
CA GLN A 243 -2.66 -16.54 -11.93
C GLN A 243 -1.36 -17.31 -12.22
N GLY A 244 -1.29 -18.56 -11.78
CA GLY A 244 -0.08 -19.35 -12.03
C GLY A 244 0.96 -19.01 -11.01
N LEU A 245 2.22 -18.95 -11.41
CA LEU A 245 3.29 -18.62 -10.49
C LEU A 245 4.64 -18.56 -11.19
N PHE A 246 5.52 -17.68 -10.69
CA PHE A 246 6.87 -17.53 -11.22
C PHE A 246 7.86 -17.92 -10.13
N LYS A 247 9.11 -18.14 -10.52
CA LYS A 247 10.14 -18.51 -9.57
C LYS A 247 11.45 -17.93 -10.06
N VAL A 248 12.40 -17.74 -9.14
CA VAL A 248 13.72 -17.19 -9.48
C VAL A 248 14.37 -17.79 -10.73
N ASP A 249 15.44 -17.15 -11.20
CA ASP A 249 16.19 -17.56 -12.38
C ASP A 249 15.34 -17.89 -13.61
N GLN A 250 14.11 -17.37 -13.65
CA GLN A 250 13.22 -17.63 -14.76
C GLN A 250 13.33 -16.71 -15.98
N GLU A 251 12.45 -16.94 -16.95
CA GLU A 251 12.40 -16.18 -18.19
C GLU A 251 11.10 -15.40 -18.28
N ILE A 252 11.16 -14.10 -18.05
CA ILE A 252 9.96 -13.30 -18.13
C ILE A 252 10.05 -12.21 -19.19
N LYS A 253 8.92 -11.53 -19.42
CA LYS A 253 8.84 -10.46 -20.39
C LYS A 253 7.80 -9.44 -19.92
N VAL A 254 8.07 -8.15 -20.14
CA VAL A 254 7.11 -7.11 -19.75
C VAL A 254 6.39 -6.59 -21.02
N LEU A 255 5.09 -6.37 -20.94
CA LEU A 255 4.34 -5.89 -22.11
C LEU A 255 3.47 -4.69 -21.72
N PRO A 256 3.20 -3.76 -22.67
CA PRO A 256 3.64 -3.71 -24.07
C PRO A 256 5.13 -3.65 -24.21
N GLY A 257 5.78 -3.16 -23.16
CA GLY A 257 7.23 -3.12 -23.16
C GLY A 257 7.83 -1.77 -23.48
N LEU A 258 8.93 -1.80 -24.22
CA LEU A 258 9.63 -0.58 -24.60
C LEU A 258 9.06 -0.02 -25.89
N ARG A 259 8.68 1.25 -25.87
CA ARG A 259 8.12 1.92 -27.04
C ARG A 259 9.24 2.14 -28.06
N VAL A 260 8.90 2.01 -29.34
CA VAL A 260 9.88 2.19 -30.43
C VAL A 260 9.23 2.74 -31.67
N GLU A 261 9.39 4.04 -31.90
CA GLU A 261 8.82 4.70 -33.08
C GLU A 261 9.92 5.24 -33.98
N LYS A 262 10.65 4.43 -34.72
CA LYS A 262 11.70 5.07 -35.50
C LYS A 262 11.60 4.95 -37.03
N GLN A 263 11.44 6.12 -37.69
CA GLN A 263 11.34 6.26 -39.15
C GLN A 263 10.03 5.80 -39.77
N GLY A 264 9.02 5.65 -38.93
CA GLY A 264 7.71 5.26 -39.40
C GLY A 264 6.67 5.36 -38.30
N LYS A 265 5.94 4.27 -38.13
CA LYS A 265 4.91 4.22 -37.11
C LYS A 265 5.62 3.82 -35.82
N VAL A 266 4.94 4.00 -34.70
CA VAL A 266 5.48 3.64 -33.41
C VAL A 266 5.14 2.16 -33.22
N SER A 267 5.81 1.50 -32.29
CA SER A 267 5.53 0.09 -32.03
C SER A 267 6.15 -0.30 -30.70
N TYR A 268 5.50 -1.20 -29.98
CA TYR A 268 6.03 -1.62 -28.69
C TYR A 268 6.62 -3.04 -28.68
N GLU A 269 7.92 -3.12 -28.50
CA GLU A 269 8.56 -4.42 -28.48
C GLU A 269 8.99 -4.83 -27.08
N PRO A 270 8.50 -5.99 -26.63
CA PRO A 270 8.74 -6.63 -25.34
C PRO A 270 10.10 -6.41 -24.69
N ILE A 271 10.09 -6.27 -23.37
CA ILE A 271 11.33 -6.10 -22.62
C ILE A 271 11.62 -7.46 -22.00
N PHE A 272 12.64 -8.14 -22.50
CA PHE A 272 13.01 -9.45 -22.00
C PHE A 272 13.97 -9.38 -20.83
N THR A 273 13.70 -10.18 -19.80
CA THR A 273 14.56 -10.26 -18.64
C THR A 273 14.30 -11.54 -17.86
N LYS A 274 15.22 -11.83 -16.96
CA LYS A 274 15.18 -13.02 -16.09
C LYS A 274 14.78 -12.58 -14.68
N ILE A 275 14.06 -13.41 -13.95
CA ILE A 275 13.69 -13.04 -12.59
C ILE A 275 14.92 -13.12 -11.70
N SER A 276 15.23 -12.04 -11.00
CA SER A 276 16.39 -11.98 -10.13
C SER A 276 16.11 -12.38 -8.67
N SER A 277 14.88 -12.19 -8.22
CA SER A 277 14.52 -12.56 -6.85
C SER A 277 13.05 -12.32 -6.54
N ILE A 278 12.58 -12.86 -5.41
CA ILE A 278 11.19 -12.69 -5.03
C ILE A 278 11.07 -12.23 -3.59
N ARG A 279 10.06 -11.40 -3.32
CA ARG A 279 9.85 -10.86 -1.98
C ARG A 279 8.44 -10.41 -1.70
N PHE A 280 7.95 -10.74 -0.51
CA PHE A 280 6.62 -10.34 -0.06
C PHE A 280 6.88 -9.68 1.28
N GLY A 281 6.86 -8.35 1.31
CA GLY A 281 7.14 -7.64 2.54
C GLY A 281 8.63 -7.80 2.78
N ASP A 282 9.03 -8.08 4.01
CA ASP A 282 10.45 -8.23 4.33
C ASP A 282 11.01 -9.64 4.26
N GLU A 283 10.33 -10.55 3.56
CA GLU A 283 10.78 -11.93 3.46
C GLU A 283 10.97 -12.35 2.00
N GLU A 284 12.18 -12.83 1.67
CA GLU A 284 12.49 -13.27 0.30
C GLU A 284 12.11 -14.72 0.07
N PHE A 285 11.53 -14.99 -1.09
CA PHE A 285 11.07 -16.34 -1.44
C PHE A 285 11.76 -16.89 -2.69
N LYS A 286 11.33 -18.06 -3.14
CA LYS A 286 11.94 -18.70 -4.31
C LYS A 286 10.90 -19.04 -5.38
N GLU A 287 9.71 -18.50 -5.17
CA GLU A 287 8.60 -18.66 -6.09
C GLU A 287 7.43 -17.85 -5.54
N ALA A 288 6.79 -17.09 -6.41
CA ALA A 288 5.67 -16.24 -6.00
C ALA A 288 4.36 -16.68 -6.64
N LYS A 289 3.31 -16.74 -5.84
CA LYS A 289 2.01 -17.16 -6.33
C LYS A 289 0.94 -16.20 -5.84
N PRO A 290 -0.22 -16.16 -6.50
CA PRO A 290 -1.36 -15.30 -6.18
C PRO A 290 -1.54 -14.98 -4.70
N GLY A 291 -1.93 -13.74 -4.41
CA GLY A 291 -2.13 -13.33 -3.02
C GLY A 291 -0.96 -12.55 -2.45
N GLY A 292 -1.09 -11.22 -2.46
CA GLY A 292 -0.05 -10.35 -1.93
C GLY A 292 0.71 -9.57 -2.98
N LEU A 293 1.20 -8.40 -2.60
CA LEU A 293 1.97 -7.56 -3.50
C LEU A 293 3.38 -8.11 -3.59
N VAL A 294 3.82 -8.38 -4.80
CA VAL A 294 5.13 -8.94 -5.00
C VAL A 294 6.14 -7.90 -5.39
N ALA A 295 7.40 -8.30 -5.27
CA ALA A 295 8.52 -7.47 -5.63
C ALA A 295 9.41 -8.39 -6.47
N ILE A 296 9.24 -8.35 -7.78
CA ILE A 296 10.07 -9.18 -8.64
C ILE A 296 11.32 -8.41 -9.03
N GLY A 297 12.41 -8.71 -8.36
CA GLY A 297 13.66 -8.04 -8.69
C GLY A 297 14.09 -8.62 -10.02
N THR A 298 14.36 -7.78 -11.01
CA THR A 298 14.77 -8.29 -12.31
C THR A 298 16.24 -8.04 -12.55
N TYR A 299 16.65 -8.12 -13.83
CA TYR A 299 18.03 -7.91 -14.23
C TYR A 299 18.25 -6.64 -15.05
N LEU A 300 17.19 -6.13 -15.66
CA LEU A 300 17.34 -4.97 -16.51
C LEU A 300 17.84 -3.65 -15.88
N ASP A 301 18.33 -2.76 -16.75
CA ASP A 301 18.83 -1.45 -16.38
C ASP A 301 17.82 -0.72 -15.50
N PRO A 302 18.21 -0.37 -14.26
CA PRO A 302 17.37 0.34 -13.29
C PRO A 302 16.60 1.51 -13.88
N SER A 303 17.09 2.03 -14.98
CA SER A 303 16.45 3.16 -15.66
C SER A 303 15.03 2.80 -16.08
N LEU A 304 14.89 1.58 -16.61
CA LEU A 304 13.61 1.07 -17.07
C LEU A 304 12.55 0.99 -16.01
N THR A 305 12.94 0.69 -14.78
CA THR A 305 11.97 0.55 -13.70
C THR A 305 11.91 1.72 -12.72
N LYS A 306 12.96 2.52 -12.63
CA LYS A 306 13.04 3.58 -11.63
C LYS A 306 11.94 4.62 -11.33
N ALA A 307 10.98 4.85 -12.19
CA ALA A 307 9.97 5.86 -11.88
C ALA A 307 8.55 5.35 -11.78
N ASP A 308 8.33 4.13 -11.33
CA ASP A 308 6.97 3.57 -11.32
C ASP A 308 6.68 3.53 -12.80
N ASN A 309 7.75 3.41 -13.58
CA ASN A 309 7.69 3.38 -15.02
C ASN A 309 6.70 2.33 -15.54
N LEU A 310 7.04 1.06 -15.31
CA LEU A 310 6.28 -0.10 -15.75
C LEU A 310 4.89 -0.38 -15.18
N LEU A 311 4.32 0.58 -14.46
CA LEU A 311 2.98 0.41 -13.94
C LEU A 311 2.08 0.32 -15.18
N GLY A 312 0.99 -0.43 -15.11
CA GLY A 312 0.11 -0.59 -16.26
C GLY A 312 0.55 -1.68 -17.25
N SER A 313 1.60 -2.42 -16.87
CA SER A 313 2.12 -3.50 -17.71
C SER A 313 1.78 -4.83 -17.04
N ILE A 314 2.29 -5.92 -17.64
CA ILE A 314 2.09 -7.27 -17.13
C ILE A 314 3.39 -8.00 -17.35
N ILE A 315 3.72 -8.95 -16.48
CA ILE A 315 4.93 -9.73 -16.65
C ILE A 315 4.48 -11.14 -17.00
N THR A 316 5.19 -11.74 -17.93
CA THR A 316 4.88 -13.05 -18.46
C THR A 316 6.13 -13.91 -18.62
N LEU A 317 5.94 -15.19 -18.90
CA LEU A 317 7.07 -16.06 -19.13
C LEU A 317 7.53 -15.62 -20.51
N ALA A 318 8.83 -15.40 -20.65
CA ALA A 318 9.43 -14.96 -21.90
C ALA A 318 8.77 -15.62 -23.10
N ASP A 319 8.52 -16.91 -22.93
CA ASP A 319 7.93 -17.81 -23.92
C ASP A 319 6.42 -17.89 -23.72
N ALA A 320 5.66 -16.98 -24.31
CA ALA A 320 4.21 -17.04 -24.14
C ALA A 320 3.44 -16.49 -25.30
N GLU A 321 2.12 -16.58 -25.22
CA GLU A 321 1.25 -16.06 -26.26
C GLU A 321 0.41 -14.97 -25.63
N VAL A 322 0.78 -13.72 -25.89
CA VAL A 322 0.07 -12.59 -25.34
C VAL A 322 0.06 -11.47 -26.36
N PRO A 323 -1.06 -11.31 -27.08
CA PRO A 323 -1.22 -10.27 -28.10
C PRO A 323 -1.20 -8.84 -27.52
N VAL A 324 -0.35 -7.98 -28.08
CA VAL A 324 -0.25 -6.58 -27.67
C VAL A 324 -0.96 -5.87 -28.81
N LEU A 325 -2.22 -5.54 -28.61
CA LEU A 325 -3.01 -4.94 -29.66
C LEU A 325 -3.20 -3.44 -29.56
N TRP A 326 -3.57 -2.82 -30.69
CA TRP A 326 -3.82 -1.38 -30.73
C TRP A 326 -5.29 -1.20 -30.89
N ASN A 327 -5.88 -2.10 -31.67
CA ASN A 327 -7.31 -2.06 -31.90
C ASN A 327 -7.88 -3.27 -31.17
N ILE A 328 -9.01 -3.09 -30.50
CA ILE A 328 -9.60 -4.20 -29.77
C ILE A 328 -11.11 -4.22 -29.87
N ARG A 329 -11.66 -5.43 -29.93
CA ARG A 329 -13.09 -5.61 -30.02
C ARG A 329 -13.55 -5.86 -28.59
N ILE A 330 -14.73 -5.38 -28.23
CA ILE A 330 -15.23 -5.56 -26.87
C ILE A 330 -16.75 -5.71 -26.84
N LYS A 331 -17.25 -6.82 -26.32
CA LYS A 331 -18.69 -7.06 -26.22
C LYS A 331 -19.23 -6.43 -24.94
N TYR A 332 -19.12 -5.11 -24.91
CA TYR A 332 -19.51 -4.28 -23.78
C TYR A 332 -20.98 -4.31 -23.41
N ASN A 333 -21.24 -3.91 -22.17
CA ASN A 333 -22.58 -3.81 -21.61
C ASN A 333 -22.57 -2.47 -20.87
N LEU A 334 -23.45 -1.56 -21.25
CA LEU A 334 -23.50 -0.24 -20.60
C LEU A 334 -24.30 -0.31 -19.31
N LEU A 335 -24.15 0.68 -18.44
CA LEU A 335 -24.90 0.66 -17.19
C LEU A 335 -26.23 1.41 -17.26
N GLU A 336 -26.94 1.43 -16.14
CA GLU A 336 -28.24 2.08 -16.03
C GLU A 336 -28.07 3.58 -16.03
N ARG A 337 -27.42 4.09 -14.99
CA ARG A 337 -27.14 5.50 -14.84
C ARG A 337 -25.64 5.66 -14.52
N VAL A 338 -25.21 6.89 -14.25
CA VAL A 338 -23.82 7.14 -13.92
C VAL A 338 -23.61 7.06 -12.43
N VAL A 339 -23.42 5.83 -11.94
CA VAL A 339 -23.21 5.60 -10.52
C VAL A 339 -21.97 6.36 -10.11
N GLY A 340 -21.97 6.93 -8.91
CA GLY A 340 -20.80 7.66 -8.46
C GLY A 340 -20.85 9.15 -8.78
N ALA A 341 -21.98 9.58 -9.33
CA ALA A 341 -22.19 10.98 -9.66
C ALA A 341 -23.02 11.59 -8.53
N LYS A 342 -23.98 12.42 -8.89
CA LYS A 342 -24.87 13.05 -7.93
C LYS A 342 -26.17 13.34 -8.69
N GLU A 343 -26.02 13.77 -9.93
CA GLU A 343 -27.17 14.03 -10.77
C GLU A 343 -27.47 12.71 -11.46
N MET A 344 -28.19 11.85 -10.75
CA MET A 344 -28.52 10.55 -11.32
C MET A 344 -29.07 10.71 -12.74
N LEU A 345 -28.20 10.61 -13.74
CA LEU A 345 -28.67 10.72 -15.11
C LEU A 345 -28.18 9.54 -15.95
N LYS A 346 -29.08 9.03 -16.80
CA LYS A 346 -28.80 7.90 -17.66
C LYS A 346 -27.51 7.98 -18.42
N VAL A 347 -27.00 6.82 -18.81
CA VAL A 347 -25.76 6.72 -19.55
C VAL A 347 -26.06 6.72 -21.05
N ASP A 348 -25.61 7.77 -21.75
CA ASP A 348 -25.87 7.85 -23.18
C ASP A 348 -25.07 6.79 -23.92
N PRO A 349 -25.62 6.28 -25.03
CA PRO A 349 -25.05 5.27 -25.92
C PRO A 349 -23.65 5.57 -26.43
N ILE A 350 -22.84 4.53 -26.56
CA ILE A 350 -21.50 4.72 -27.06
C ILE A 350 -21.64 5.10 -28.53
N ARG A 351 -21.36 6.37 -28.83
CA ARG A 351 -21.44 6.86 -30.19
C ARG A 351 -20.08 6.60 -30.83
N ALA A 352 -20.03 6.46 -32.15
CA ALA A 352 -18.76 6.19 -32.81
C ALA A 352 -17.80 7.35 -32.67
N LYS A 353 -16.53 7.11 -32.98
CA LYS A 353 -15.51 8.16 -32.90
C LYS A 353 -15.40 8.85 -31.54
N GLU A 354 -16.32 8.54 -30.62
CA GLU A 354 -16.29 9.11 -29.27
C GLU A 354 -15.02 8.58 -28.59
N THR A 355 -14.50 9.33 -27.60
CA THR A 355 -13.30 8.85 -26.92
C THR A 355 -13.67 8.25 -25.60
N LEU A 356 -12.99 7.17 -25.25
CA LEU A 356 -13.27 6.47 -24.02
C LEU A 356 -12.00 5.99 -23.34
N MET A 357 -12.13 5.82 -22.03
CA MET A 357 -11.04 5.35 -21.18
C MET A 357 -11.33 3.90 -20.83
N LEU A 358 -10.37 3.03 -21.13
CA LEU A 358 -10.52 1.62 -20.88
C LEU A 358 -9.59 1.08 -19.81
N SER A 359 -10.18 0.46 -18.79
CA SER A 359 -9.37 -0.14 -17.74
C SER A 359 -9.21 -1.62 -18.08
N VAL A 360 -7.98 -2.12 -18.02
CA VAL A 360 -7.69 -3.49 -18.37
C VAL A 360 -6.47 -4.01 -17.61
N GLY A 361 -6.71 -4.38 -16.37
CA GLY A 361 -5.62 -4.88 -15.55
C GLY A 361 -5.09 -3.67 -14.84
N SER A 362 -3.81 -3.71 -14.48
CA SER A 362 -3.18 -2.59 -13.80
C SER A 362 -3.09 -1.43 -14.77
N SER A 363 -3.36 -1.70 -16.05
CA SER A 363 -3.28 -0.66 -17.08
C SER A 363 -4.54 0.20 -17.19
N THR A 364 -4.33 1.39 -17.74
CA THR A 364 -5.38 2.38 -17.97
C THR A 364 -4.95 3.12 -19.27
N THR A 365 -5.89 3.24 -20.21
CA THR A 365 -5.63 3.79 -21.53
C THR A 365 -6.82 4.43 -22.20
N LEU A 366 -6.58 5.42 -23.07
CA LEU A 366 -7.68 6.06 -23.79
C LEU A 366 -7.67 5.64 -25.24
N GLY A 367 -8.86 5.64 -25.84
CA GLY A 367 -8.95 5.24 -27.23
C GLY A 367 -10.13 5.91 -27.91
N ILE A 368 -10.30 5.63 -29.19
CA ILE A 368 -11.41 6.20 -29.94
C ILE A 368 -12.23 5.11 -30.67
N VAL A 369 -13.54 5.18 -30.45
CA VAL A 369 -14.48 4.23 -31.03
C VAL A 369 -14.45 4.21 -32.55
N THR A 370 -14.28 3.02 -33.13
CA THR A 370 -14.26 2.88 -34.60
C THR A 370 -15.40 2.03 -35.17
N SER A 371 -16.03 1.23 -34.31
CA SER A 371 -17.15 0.37 -34.72
C SER A 371 -18.18 0.49 -33.59
N VAL A 372 -19.47 0.29 -33.89
CA VAL A 372 -20.45 0.40 -32.82
C VAL A 372 -21.73 -0.41 -33.03
N LYS A 373 -21.61 -1.73 -33.02
CA LYS A 373 -22.79 -2.58 -33.21
C LYS A 373 -23.61 -2.70 -31.92
N LYS A 374 -24.73 -3.43 -32.01
CA LYS A 374 -25.61 -3.59 -30.86
C LYS A 374 -24.87 -3.83 -29.56
N ASP A 375 -24.11 -4.91 -29.52
CA ASP A 375 -23.39 -5.26 -28.29
C ASP A 375 -21.91 -5.53 -28.48
N GLU A 376 -21.30 -4.76 -29.36
CA GLU A 376 -19.87 -4.88 -29.62
C GLU A 376 -19.31 -3.62 -30.26
N ILE A 377 -18.16 -3.20 -29.77
CA ILE A 377 -17.51 -2.03 -30.32
C ILE A 377 -16.06 -2.37 -30.51
N GLU A 378 -15.37 -1.51 -31.23
CA GLU A 378 -13.95 -1.70 -31.46
C GLU A 378 -13.36 -0.34 -31.16
N VAL A 379 -12.14 -0.33 -30.63
CA VAL A 379 -11.50 0.91 -30.26
C VAL A 379 -10.03 1.00 -30.64
N GLU A 380 -9.58 2.23 -30.86
CA GLU A 380 -8.18 2.51 -31.19
C GLU A 380 -7.50 3.03 -29.92
N LEU A 381 -6.63 2.22 -29.34
CA LEU A 381 -5.94 2.59 -28.12
C LEU A 381 -4.64 3.30 -28.44
N ARG A 382 -4.44 4.45 -27.81
CA ARG A 382 -3.25 5.23 -28.02
C ARG A 382 -2.02 4.38 -27.73
N ARG A 383 -2.09 3.61 -26.66
CA ARG A 383 -0.99 2.71 -26.30
C ARG A 383 -1.58 1.30 -26.45
N PRO A 384 -0.77 0.33 -26.92
CA PRO A 384 -1.34 -1.01 -27.07
C PRO A 384 -1.54 -1.67 -25.70
N VAL A 385 -2.42 -2.68 -25.64
CA VAL A 385 -2.68 -3.40 -24.40
C VAL A 385 -2.43 -4.90 -24.56
N ALA A 386 -1.80 -5.50 -23.55
CA ALA A 386 -1.48 -6.94 -23.55
C ALA A 386 -2.64 -7.76 -22.97
N VAL A 387 -3.32 -8.51 -23.84
CA VAL A 387 -4.45 -9.33 -23.44
C VAL A 387 -3.94 -10.76 -23.17
N TRP A 388 -3.67 -11.08 -21.90
CA TRP A 388 -3.15 -12.39 -21.50
C TRP A 388 -4.04 -13.63 -21.76
N SER A 389 -5.33 -13.41 -21.96
CA SER A 389 -6.20 -14.53 -22.23
C SER A 389 -7.46 -13.96 -22.85
N ASN A 390 -8.07 -14.71 -23.76
CA ASN A 390 -9.27 -14.21 -24.40
C ASN A 390 -10.37 -13.89 -23.40
N ASN A 391 -11.19 -12.92 -23.77
CA ASN A 391 -12.30 -12.49 -22.96
C ASN A 391 -12.01 -12.16 -21.49
N ILE A 392 -11.00 -11.32 -21.25
CA ILE A 392 -10.68 -10.86 -19.91
C ILE A 392 -11.60 -9.66 -19.72
N ARG A 393 -11.91 -9.30 -18.48
CA ARG A 393 -12.83 -8.19 -18.23
C ARG A 393 -12.26 -6.77 -18.37
N THR A 394 -13.12 -5.86 -18.81
CA THR A 394 -12.70 -4.47 -18.95
C THR A 394 -13.79 -3.50 -18.53
N VAL A 395 -13.39 -2.43 -17.83
CA VAL A 395 -14.33 -1.42 -17.39
C VAL A 395 -14.23 -0.20 -18.32
N ILE A 396 -15.39 0.33 -18.73
CA ILE A 396 -15.44 1.44 -19.65
C ILE A 396 -15.91 2.73 -19.01
N SER A 397 -15.03 3.73 -19.03
CA SER A 397 -15.32 5.05 -18.47
C SER A 397 -15.42 6.14 -19.56
N ARG A 398 -16.22 7.16 -19.30
CA ARG A 398 -16.39 8.26 -20.23
C ARG A 398 -16.39 9.60 -19.51
N GLN A 399 -15.42 10.46 -19.82
CA GLN A 399 -15.30 11.76 -19.20
C GLN A 399 -16.64 12.48 -19.40
N ILE A 400 -17.23 12.98 -18.31
CA ILE A 400 -18.53 13.66 -18.39
C ILE A 400 -18.52 15.13 -18.02
N ALA A 401 -18.06 15.46 -16.82
CA ALA A 401 -18.02 16.87 -16.43
C ALA A 401 -16.57 17.21 -16.11
N GLY A 402 -15.72 17.01 -17.11
CA GLY A 402 -14.30 17.26 -16.91
C GLY A 402 -13.78 16.13 -16.05
N ARG A 403 -14.73 15.33 -15.54
CA ARG A 403 -14.45 14.17 -14.69
C ARG A 403 -14.85 12.87 -15.38
N TRP A 404 -13.97 11.88 -15.30
CA TRP A 404 -14.21 10.57 -15.90
C TRP A 404 -15.20 9.76 -15.08
N ARG A 405 -16.08 9.06 -15.75
CA ARG A 405 -17.07 8.25 -15.07
C ARG A 405 -17.25 6.85 -15.65
N MET A 406 -17.52 5.89 -14.78
CA MET A 406 -17.72 4.51 -15.18
C MET A 406 -19.12 4.35 -15.77
N ILE A 407 -19.21 3.73 -16.95
CA ILE A 407 -20.51 3.54 -17.56
C ILE A 407 -20.71 2.10 -18.07
N GLY A 408 -19.67 1.28 -18.00
CA GLY A 408 -19.82 -0.09 -18.48
C GLY A 408 -18.61 -1.01 -18.40
N TRP A 409 -18.74 -2.15 -19.06
CA TRP A 409 -17.68 -3.14 -19.08
C TRP A 409 -17.89 -4.07 -20.26
N GLY A 410 -16.94 -4.95 -20.47
CA GLY A 410 -17.06 -5.87 -21.58
C GLY A 410 -15.99 -6.93 -21.56
N LEU A 411 -15.97 -7.74 -22.60
CA LEU A 411 -14.99 -8.82 -22.67
C LEU A 411 -14.09 -8.57 -23.87
N VAL A 412 -12.79 -8.55 -23.62
CA VAL A 412 -11.83 -8.28 -24.69
C VAL A 412 -11.65 -9.52 -25.54
N GLU A 413 -12.21 -9.47 -26.74
CA GLU A 413 -12.15 -10.57 -27.70
C GLU A 413 -10.82 -10.70 -28.42
N ILE A 414 -9.85 -11.41 -27.85
CA ILE A 414 -8.56 -11.61 -28.53
C ILE A 414 -8.86 -12.06 -29.96
N MET B 1 49.31 12.59 1.77
CA MET B 1 50.13 13.44 0.85
C MET B 1 50.38 12.71 -0.48
N ARG B 2 49.58 11.69 -0.76
CA ARG B 2 49.73 10.90 -1.99
C ARG B 2 48.52 10.99 -2.92
N LYS B 3 47.33 10.74 -2.37
CA LYS B 3 46.08 10.74 -3.13
C LYS B 3 45.71 12.01 -3.89
N VAL B 4 45.00 11.81 -5.00
CA VAL B 4 44.53 12.89 -5.87
C VAL B 4 43.20 12.46 -6.48
N LYS B 5 42.09 13.07 -6.04
CA LYS B 5 40.77 12.70 -6.56
C LYS B 5 40.53 13.11 -8.01
N MET B 6 40.10 12.13 -8.82
CA MET B 6 39.82 12.34 -10.23
C MET B 6 38.54 11.63 -10.64
N SER B 7 37.41 12.35 -10.59
CA SER B 7 36.12 11.75 -10.95
C SER B 7 35.56 12.29 -12.27
N GLY B 8 34.33 11.88 -12.59
CA GLY B 8 33.69 12.31 -13.82
C GLY B 8 32.36 11.63 -14.04
N LEU B 9 31.34 12.39 -14.44
CA LEU B 9 30.02 11.83 -14.66
C LEU B 9 29.80 11.21 -16.03
N ILE B 10 29.24 9.99 -16.04
CA ILE B 10 28.92 9.26 -17.27
C ILE B 10 27.47 8.80 -17.32
N THR B 11 27.05 8.44 -18.53
CA THR B 11 25.71 7.96 -18.79
C THR B 11 25.81 6.48 -19.16
N VAL B 12 24.97 5.65 -18.53
CA VAL B 12 24.95 4.22 -18.80
C VAL B 12 23.51 3.72 -18.88
N ARG B 13 23.11 3.28 -20.07
CA ARG B 13 21.76 2.78 -20.25
C ARG B 13 21.71 1.62 -21.26
N THR B 14 21.08 0.52 -20.88
CA THR B 14 20.95 -0.65 -21.75
C THR B 14 19.54 -1.21 -21.73
N ASN B 15 19.22 -2.01 -22.74
CA ASN B 15 17.91 -2.64 -22.83
C ASN B 15 18.15 -4.16 -22.92
N GLU B 16 19.41 -4.56 -22.77
CA GLU B 16 19.76 -5.97 -22.82
C GLU B 16 19.03 -6.74 -21.74
N PRO B 17 18.53 -7.94 -22.08
CA PRO B 17 17.80 -8.78 -21.12
C PRO B 17 18.46 -8.88 -19.75
N LEU B 18 19.78 -8.78 -19.72
CA LEU B 18 20.50 -8.86 -18.45
C LEU B 18 21.19 -7.53 -18.25
N GLY B 19 20.38 -6.47 -18.12
CA GLY B 19 20.89 -5.13 -17.92
C GLY B 19 22.12 -5.02 -17.04
N VAL B 20 21.88 -4.78 -15.76
CA VAL B 20 22.96 -4.64 -14.78
C VAL B 20 24.09 -5.63 -15.05
N GLU B 21 23.75 -6.79 -15.60
CA GLU B 21 24.72 -7.83 -15.88
C GLU B 21 25.73 -7.46 -16.97
N LYS B 22 25.26 -6.81 -18.03
CA LYS B 22 26.17 -6.41 -19.09
C LYS B 22 26.99 -5.22 -18.63
N ILE B 23 26.42 -4.43 -17.72
CA ILE B 23 27.13 -3.28 -17.18
C ILE B 23 28.28 -3.81 -16.33
N LYS B 24 27.98 -4.80 -15.50
CA LYS B 24 29.00 -5.41 -14.64
C LYS B 24 30.20 -5.81 -15.50
N GLU B 25 29.90 -6.44 -16.65
CA GLU B 25 30.93 -6.90 -17.59
C GLU B 25 31.86 -5.83 -18.13
N VAL B 26 31.33 -4.99 -19.02
CA VAL B 26 32.09 -3.92 -19.64
C VAL B 26 33.05 -3.28 -18.65
N ILE B 27 32.52 -2.84 -17.51
CA ILE B 27 33.36 -2.22 -16.50
C ILE B 27 34.45 -3.21 -16.06
N SER B 28 34.04 -4.38 -15.59
CA SER B 28 35.00 -5.38 -15.15
C SER B 28 35.87 -5.96 -16.29
N LYS B 29 36.04 -5.16 -17.35
CA LYS B 29 36.88 -5.53 -18.49
C LYS B 29 37.58 -4.27 -18.99
N ALA B 30 36.79 -3.22 -19.23
CA ALA B 30 37.34 -1.94 -19.67
C ALA B 30 38.21 -1.39 -18.55
N LEU B 31 37.95 -1.92 -17.37
CA LEU B 31 38.68 -1.55 -16.19
C LEU B 31 39.59 -2.73 -15.87
N GLU B 32 40.39 -3.10 -16.85
CA GLU B 32 41.32 -4.22 -16.75
C GLU B 32 42.69 -3.75 -17.26
N ASN B 33 43.75 -4.06 -16.50
CA ASN B 33 45.11 -3.70 -16.88
C ASN B 33 45.49 -2.26 -16.54
N ILE B 34 44.50 -1.47 -16.14
CA ILE B 34 44.76 -0.08 -15.78
C ILE B 34 45.65 -0.03 -14.52
N GLU B 35 45.17 -0.58 -13.41
CA GLU B 35 45.95 -0.60 -12.17
C GLU B 35 47.26 -1.36 -12.33
N GLN B 36 47.58 -1.75 -13.56
CA GLN B 36 48.79 -2.51 -13.79
C GLN B 36 49.77 -1.97 -14.84
N ASP B 37 49.29 -1.63 -16.04
CA ASP B 37 50.18 -1.04 -17.04
C ASP B 37 50.55 0.36 -16.57
N TYR B 38 49.71 1.34 -16.92
CA TYR B 38 49.90 2.69 -16.43
C TYR B 38 49.54 2.36 -14.98
N GLU B 39 50.56 2.19 -14.12
CA GLU B 39 50.34 1.71 -12.71
C GLU B 39 49.85 2.50 -11.47
N SER B 40 50.69 2.82 -10.46
CA SER B 40 50.15 3.42 -9.21
C SER B 40 49.09 4.52 -9.25
N LEU B 41 47.88 4.04 -9.45
CA LEU B 41 46.59 4.74 -9.44
C LEU B 41 46.25 4.01 -8.13
N LEU B 42 46.65 4.59 -7.00
CA LEU B 42 46.38 3.97 -5.72
C LEU B 42 45.06 3.19 -5.66
N ASN B 43 44.03 3.67 -6.35
CA ASN B 43 42.72 2.98 -6.32
C ASN B 43 41.79 3.38 -7.49
N ILE B 44 40.77 2.56 -7.76
CA ILE B 44 39.77 2.82 -8.81
C ILE B 44 38.40 2.50 -8.20
N LYS B 45 37.38 3.30 -8.51
CA LYS B 45 36.05 3.06 -7.97
C LYS B 45 34.90 3.64 -8.79
N ILE B 46 34.33 2.85 -9.69
CA ILE B 46 33.19 3.33 -10.48
C ILE B 46 31.95 3.10 -9.60
N TYR B 47 30.98 3.98 -9.69
CA TYR B 47 29.77 3.83 -8.90
C TYR B 47 28.60 4.64 -9.45
N THR B 48 27.42 4.43 -8.89
CA THR B 48 26.25 5.13 -9.34
C THR B 48 25.89 6.24 -8.39
N ILE B 49 25.41 7.34 -8.95
CA ILE B 49 25.01 8.49 -8.17
C ILE B 49 23.49 8.61 -8.25
N GLY B 50 22.92 8.28 -9.41
CA GLY B 50 21.48 8.36 -9.60
C GLY B 50 20.89 7.25 -10.45
N ALA B 51 20.16 7.61 -11.50
CA ALA B 51 19.54 6.61 -12.36
C ALA B 51 20.47 6.14 -13.47
N PRO B 52 20.43 6.78 -14.67
CA PRO B 52 21.36 6.26 -15.67
C PRO B 52 22.75 6.87 -15.50
N ARG B 53 22.85 7.77 -14.52
CA ARG B 53 24.08 8.50 -14.20
C ARG B 53 25.04 7.77 -13.28
N TYR B 54 26.31 7.75 -13.65
CA TYR B 54 27.34 7.10 -12.84
C TYR B 54 28.59 7.96 -12.81
N ARG B 55 29.57 7.53 -12.02
CA ARG B 55 30.84 8.25 -11.88
C ARG B 55 32.03 7.29 -11.70
N VAL B 56 33.22 7.78 -12.05
CA VAL B 56 34.45 7.00 -11.93
C VAL B 56 35.46 7.74 -11.06
N ASP B 57 35.98 7.06 -10.04
CA ASP B 57 36.95 7.66 -9.14
C ASP B 57 38.35 7.04 -9.28
N VAL B 58 39.32 7.89 -9.59
CA VAL B 58 40.71 7.46 -9.77
C VAL B 58 41.68 8.27 -8.89
N VAL B 59 42.11 7.68 -7.77
CA VAL B 59 43.05 8.34 -6.88
C VAL B 59 44.44 7.76 -7.10
N GLY B 60 45.37 8.62 -7.52
CA GLY B 60 46.72 8.19 -7.78
C GLY B 60 47.75 9.03 -7.04
N THR B 61 49.03 8.72 -7.24
CA THR B 61 50.10 9.45 -6.58
C THR B 61 50.45 10.75 -7.30
N ASN B 62 50.15 10.82 -8.60
CA ASN B 62 50.47 12.00 -9.40
C ASN B 62 49.31 12.39 -10.33
N PRO B 63 48.84 13.64 -10.23
CA PRO B 63 47.74 14.12 -11.08
C PRO B 63 47.95 13.95 -12.60
N LYS B 64 49.19 14.11 -13.06
CA LYS B 64 49.50 13.97 -14.49
C LYS B 64 49.16 12.58 -15.01
N GLU B 65 49.35 11.58 -14.14
CA GLU B 65 49.07 10.18 -14.49
C GLU B 65 47.61 9.83 -14.12
N ALA B 66 47.00 10.69 -13.31
CA ALA B 66 45.62 10.48 -12.89
C ALA B 66 44.71 10.47 -14.10
N SER B 67 44.60 11.62 -14.77
CA SER B 67 43.76 11.72 -15.96
C SER B 67 44.35 10.84 -17.06
N GLU B 68 45.58 10.37 -16.85
CA GLU B 68 46.23 9.51 -17.83
C GLU B 68 45.39 8.25 -18.03
N ALA B 69 45.16 7.53 -16.93
CA ALA B 69 44.38 6.30 -16.97
C ALA B 69 42.87 6.53 -16.94
N LEU B 70 42.43 7.54 -16.18
CA LEU B 70 40.99 7.83 -16.08
C LEU B 70 40.37 7.97 -17.47
N ASN B 71 41.15 8.50 -18.41
CA ASN B 71 40.68 8.66 -19.78
C ASN B 71 40.73 7.31 -20.48
N GLN B 72 41.75 6.52 -20.16
CA GLN B 72 41.95 5.20 -20.75
C GLN B 72 40.81 4.26 -20.36
N ILE B 73 40.21 4.51 -19.19
CA ILE B 73 39.09 3.70 -18.71
C ILE B 73 37.87 4.08 -19.55
N ILE B 74 37.40 5.30 -19.36
CA ILE B 74 36.26 5.80 -20.10
C ILE B 74 36.45 5.49 -21.57
N SER B 75 37.68 5.73 -22.03
CA SER B 75 38.05 5.48 -23.41
C SER B 75 37.54 4.10 -23.82
N ASN B 76 37.76 3.12 -22.96
CA ASN B 76 37.35 1.76 -23.23
C ASN B 76 35.91 1.40 -22.90
N LEU B 77 35.32 2.06 -21.91
CA LEU B 77 33.93 1.80 -21.57
C LEU B 77 33.09 2.03 -22.82
N ILE B 78 33.28 3.18 -23.44
CA ILE B 78 32.56 3.55 -24.66
C ILE B 78 32.71 2.49 -25.72
N LYS B 79 33.96 2.10 -25.95
CA LYS B 79 34.30 1.10 -26.96
C LYS B 79 33.73 -0.28 -26.63
N ILE B 80 34.22 -0.87 -25.54
CA ILE B 80 33.76 -2.18 -25.12
C ILE B 80 32.24 -2.22 -24.98
N GLY B 81 31.69 -1.20 -24.32
CA GLY B 81 30.25 -1.14 -24.14
C GLY B 81 29.49 -1.20 -25.45
N LYS B 82 30.01 -0.51 -26.47
CA LYS B 82 29.37 -0.49 -27.77
C LYS B 82 29.55 -1.84 -28.46
N GLU B 83 30.44 -2.65 -27.90
CA GLU B 83 30.74 -3.97 -28.43
C GLU B 83 29.82 -5.03 -27.80
N GLU B 84 29.05 -4.61 -26.79
CA GLU B 84 28.13 -5.51 -26.09
C GLU B 84 26.70 -4.97 -26.00
N ASN B 85 26.40 -3.96 -26.79
CA ASN B 85 25.08 -3.35 -26.82
C ASN B 85 24.83 -2.55 -25.54
N VAL B 86 25.91 -2.06 -24.95
CA VAL B 86 25.84 -1.26 -23.74
C VAL B 86 26.13 0.20 -24.11
N ASP B 87 25.07 1.01 -24.12
CA ASP B 87 25.16 2.40 -24.48
C ASP B 87 25.67 3.33 -23.36
N ILE B 88 26.96 3.66 -23.41
CA ILE B 88 27.59 4.53 -22.42
C ILE B 88 28.36 5.70 -23.01
N SER B 89 27.83 6.90 -22.83
CA SER B 89 28.44 8.13 -23.33
C SER B 89 29.03 8.89 -22.14
N VAL B 90 29.38 10.16 -22.32
CA VAL B 90 29.98 10.92 -21.23
C VAL B 90 29.53 12.36 -20.99
N VAL B 91 29.45 12.70 -19.70
CA VAL B 91 29.08 14.03 -19.22
C VAL B 91 30.30 14.50 -18.44
N LYS B 92 31.42 14.66 -19.13
CA LYS B 92 32.66 15.09 -18.49
C LYS B 92 32.43 16.03 -17.32
N LYS B 93 33.17 15.79 -16.24
CA LYS B 93 33.09 16.58 -15.02
C LYS B 93 33.90 15.87 -13.94
N SER C 2 -31.12 -11.47 9.11
CA SER C 2 -30.86 -11.87 10.53
C SER C 2 -30.44 -10.69 11.39
N GLU C 3 -31.34 -9.72 11.53
CA GLU C 3 -31.07 -8.53 12.34
C GLU C 3 -30.57 -9.01 13.68
N LYS C 4 -31.16 -10.10 14.16
CA LYS C 4 -30.78 -10.70 15.43
C LYS C 4 -29.26 -10.79 15.51
N GLU C 5 -28.70 -11.43 14.49
CA GLU C 5 -27.27 -11.64 14.33
C GLU C 5 -26.57 -10.29 14.48
N TYR C 6 -27.05 -9.32 13.71
CA TYR C 6 -26.52 -7.96 13.70
C TYR C 6 -26.71 -7.25 15.03
N VAL C 7 -27.95 -7.04 15.42
CA VAL C 7 -28.26 -6.36 16.67
C VAL C 7 -27.38 -6.89 17.78
N GLU C 8 -27.16 -8.21 17.77
CA GLU C 8 -26.34 -8.83 18.79
C GLU C 8 -24.96 -8.19 18.83
N MET C 9 -24.34 -8.03 17.67
CA MET C 9 -23.00 -7.42 17.57
C MET C 9 -23.07 -5.95 17.90
N LEU C 10 -24.16 -5.30 17.49
CA LEU C 10 -24.39 -3.87 17.71
C LEU C 10 -24.29 -3.56 19.19
N ASP C 11 -25.16 -4.19 19.98
CA ASP C 11 -25.18 -3.98 21.41
C ASP C 11 -23.82 -4.24 22.04
N ARG C 12 -23.09 -5.21 21.47
CA ARG C 12 -21.77 -5.53 21.98
C ARG C 12 -20.77 -4.40 21.87
N LEU C 13 -20.80 -3.68 20.75
CA LEU C 13 -19.85 -2.59 20.61
C LEU C 13 -20.21 -1.51 21.59
N TYR C 14 -21.50 -1.18 21.65
CA TYR C 14 -21.94 -0.14 22.55
C TYR C 14 -21.37 -0.29 23.96
N SER C 15 -21.65 -1.42 24.59
CA SER C 15 -21.13 -1.68 25.92
C SER C 15 -19.61 -1.86 25.92
N LYS C 16 -18.96 -1.41 24.86
CA LYS C 16 -17.51 -1.47 24.74
C LYS C 16 -17.06 -0.01 24.64
N LEU C 17 -18.02 0.92 24.56
CA LEU C 17 -17.71 2.35 24.46
C LEU C 17 -17.11 2.94 25.75
N PRO C 18 -16.70 4.22 25.74
CA PRO C 18 -16.11 4.87 26.93
C PRO C 18 -17.12 5.63 27.77
N GLU C 19 -18.10 4.94 28.33
CA GLU C 19 -19.12 5.60 29.13
C GLU C 19 -19.83 6.76 28.39
N LYS C 20 -20.55 7.56 29.17
CA LYS C 20 -21.33 8.72 28.73
C LYS C 20 -20.58 10.00 29.15
N GLY C 21 -21.26 11.14 29.18
CA GLY C 21 -20.62 12.39 29.58
C GLY C 21 -20.97 12.80 31.00
N GLN C 27 -16.91 16.64 37.35
CA GLN C 27 -15.61 16.54 36.67
C GLN C 27 -14.61 17.64 36.97
N SER C 28 -14.22 17.71 38.24
CA SER C 28 -13.17 18.60 38.66
C SER C 28 -12.14 17.52 38.38
N LEU C 29 -10.91 17.64 38.80
CA LEU C 29 -10.00 16.54 38.58
C LEU C 29 -9.64 15.97 39.95
N PRO C 30 -9.72 14.64 40.12
CA PRO C 30 -9.36 14.14 41.44
C PRO C 30 -7.99 14.69 41.84
N ASN C 31 -7.85 15.10 43.09
CA ASN C 31 -6.56 15.58 43.56
C ASN C 31 -5.60 14.41 43.45
N MET C 32 -4.50 14.66 42.78
CA MET C 32 -3.47 13.66 42.58
C MET C 32 -2.67 13.50 43.88
N ILE C 33 -2.84 12.36 44.55
CA ILE C 33 -2.14 12.09 45.82
C ILE C 33 -0.68 11.71 45.60
N ILE C 34 0.23 12.45 46.23
CA ILE C 34 1.66 12.21 46.09
C ILE C 34 2.35 12.06 47.43
N LEU C 35 3.39 11.23 47.48
CA LEU C 35 4.14 10.98 48.72
C LEU C 35 5.63 10.71 48.47
N ASN C 36 6.34 10.49 49.57
CA ASN C 36 7.77 10.19 49.50
C ASN C 36 8.14 9.01 50.41
N ILE C 37 9.09 8.21 49.93
CA ILE C 37 9.59 7.05 50.66
C ILE C 37 11.05 6.86 50.30
N GLY C 38 11.92 7.61 50.98
CA GLY C 38 13.34 7.51 50.71
C GLY C 38 13.75 8.44 49.58
N ASN C 39 13.75 7.90 48.36
CA ASN C 39 14.10 8.70 47.20
C ASN C 39 13.19 8.35 46.07
N THR C 40 11.91 8.26 46.40
CA THR C 40 10.90 7.95 45.43
C THR C 40 9.74 8.92 45.66
N THR C 41 9.01 9.22 44.59
CA THR C 41 7.85 10.07 44.72
C THR C 41 6.78 9.13 44.16
N ILE C 42 5.68 8.95 44.89
CA ILE C 42 4.65 8.02 44.43
C ILE C 42 3.26 8.62 44.29
N ILE C 43 2.67 8.45 43.11
CA ILE C 43 1.35 8.96 42.81
C ILE C 43 0.32 7.85 43.00
N ARG C 44 -0.16 7.72 44.22
CA ARG C 44 -1.12 6.68 44.56
C ARG C 44 -2.14 6.35 43.49
N ASN C 45 -2.74 7.38 42.90
CA ASN C 45 -3.79 7.17 41.88
C ASN C 45 -3.46 7.52 40.44
N PHE C 46 -2.17 7.52 40.11
CA PHE C 46 -1.73 7.81 38.76
C PHE C 46 -2.59 7.03 37.77
N ALA C 47 -3.06 5.86 38.15
CA ALA C 47 -3.90 5.06 37.25
C ALA C 47 -5.30 5.66 37.15
N GLU C 48 -5.97 5.86 38.28
CA GLU C 48 -7.31 6.45 38.27
C GLU C 48 -7.25 7.79 37.55
N TYR C 49 -6.31 8.64 37.95
CA TYR C 49 -6.14 9.95 37.35
C TYR C 49 -6.17 9.83 35.83
N CYS C 50 -5.17 9.17 35.26
CA CYS C 50 -5.11 9.00 33.81
C CYS C 50 -6.44 8.44 33.28
N ASP C 51 -6.98 7.47 34.01
CA ASP C 51 -8.23 6.82 33.65
C ASP C 51 -9.32 7.82 33.41
N ARG C 52 -9.38 8.85 34.25
CA ARG C 52 -10.40 9.88 34.09
C ARG C 52 -9.98 11.10 33.29
N ILE C 53 -9.34 10.87 32.14
CA ILE C 53 -8.94 11.93 31.22
C ILE C 53 -8.68 11.18 29.91
N ARG C 54 -9.16 9.95 29.89
CA ARG C 54 -9.05 9.07 28.74
C ARG C 54 -7.63 9.04 28.15
N ARG C 55 -6.63 8.94 29.02
CA ARG C 55 -5.24 8.89 28.57
C ARG C 55 -4.45 7.67 29.07
N GLU C 56 -3.71 7.03 28.17
CA GLU C 56 -2.89 5.86 28.46
C GLU C 56 -1.75 6.18 29.46
N ASP C 57 -1.65 5.40 30.53
CA ASP C 57 -0.64 5.60 31.60
C ASP C 57 0.79 5.75 31.10
N LYS C 58 1.16 4.93 30.12
CA LYS C 58 2.50 4.95 29.57
C LYS C 58 2.78 6.34 29.05
N ILE C 59 1.75 6.92 28.42
CA ILE C 59 1.83 8.25 27.83
C ILE C 59 2.04 9.35 28.88
N CYS C 60 1.15 9.47 29.86
CA CYS C 60 1.34 10.50 30.88
C CYS C 60 2.66 10.23 31.54
N MET C 61 2.96 8.94 31.69
CA MET C 61 4.18 8.48 32.33
C MET C 61 5.39 8.94 31.52
N LYS C 62 5.41 8.55 30.25
CA LYS C 62 6.49 8.92 29.33
C LYS C 62 6.75 10.43 29.39
N TYR C 63 5.69 11.20 29.16
CA TYR C 63 5.78 12.64 29.18
C TYR C 63 6.30 13.11 30.53
N LEU C 64 5.47 12.93 31.54
CA LEU C 64 5.79 13.36 32.91
C LEU C 64 7.18 12.96 33.38
N LEU C 65 7.62 11.79 32.93
CA LEU C 65 8.93 11.25 33.30
C LEU C 65 9.97 12.04 32.55
N LYS C 66 9.83 12.07 31.23
CA LYS C 66 10.74 12.80 30.34
C LYS C 66 11.03 14.20 30.86
N GLU C 67 9.97 14.91 31.22
CA GLU C 67 10.08 16.26 31.76
C GLU C 67 10.88 16.23 33.06
N LEU C 68 10.61 15.22 33.88
CA LEU C 68 11.30 15.05 35.15
C LEU C 68 12.77 14.65 34.99
N ALA C 69 13.05 13.95 33.89
CA ALA C 69 14.41 13.49 33.60
C ALA C 69 14.76 12.41 34.63
N ALA C 70 13.76 11.61 35.00
CA ALA C 70 13.93 10.55 35.98
C ALA C 70 13.29 9.25 35.51
N PRO C 71 13.72 8.12 36.09
CA PRO C 71 13.18 6.81 35.71
C PRO C 71 11.99 6.39 36.56
N GLY C 72 11.26 5.39 36.08
CA GLY C 72 10.11 4.95 36.84
C GLY C 72 9.19 4.12 35.97
N ASN C 73 8.27 3.44 36.64
CA ASN C 73 7.30 2.62 35.96
C ASN C 73 6.05 2.66 36.85
N VAL C 74 5.06 1.84 36.51
CA VAL C 74 3.81 1.79 37.25
C VAL C 74 3.56 0.50 38.04
N ASP C 75 3.02 0.68 39.25
CA ASP C 75 2.66 -0.40 40.18
C ASP C 75 1.82 -1.43 39.45
N ASP C 76 1.67 -2.61 40.03
CA ASP C 76 0.85 -3.60 39.37
C ASP C 76 -0.55 -3.16 39.76
N LYS C 77 -0.59 -2.20 40.68
CA LYS C 77 -1.83 -1.64 41.20
C LYS C 77 -1.88 -0.15 40.84
N GLY C 78 -1.66 0.13 39.57
CA GLY C 78 -1.67 1.48 39.02
C GLY C 78 -1.08 2.63 39.82
N GLU C 79 0.13 2.47 40.32
CA GLU C 79 0.77 3.53 41.09
C GLU C 79 2.04 3.98 40.39
N LEU C 80 2.36 5.26 40.44
CA LEU C 80 3.57 5.69 39.76
C LEU C 80 4.74 5.81 40.73
N VAL C 81 5.79 5.04 40.46
CA VAL C 81 6.96 5.10 41.31
C VAL C 81 8.07 5.76 40.53
N ILE C 82 8.31 7.03 40.86
CA ILE C 82 9.34 7.79 40.20
C ILE C 82 10.62 7.61 40.97
N GLN C 83 11.60 7.01 40.32
CA GLN C 83 12.89 6.78 40.95
C GLN C 83 13.66 8.09 41.11
N GLY C 84 13.15 8.89 42.05
CA GLY C 84 13.69 10.19 42.38
C GLY C 84 12.71 10.82 43.35
N LYS C 85 13.20 11.54 44.36
CA LYS C 85 12.29 12.16 45.33
C LYS C 85 12.03 13.60 44.93
N PHE C 86 10.90 13.82 44.26
CA PHE C 86 10.57 15.16 43.82
C PHE C 86 9.47 15.79 44.65
N SER C 87 9.50 17.12 44.68
CA SER C 87 8.51 17.93 45.43
C SER C 87 7.11 17.84 44.83
N SER C 88 6.15 17.51 45.68
CA SER C 88 4.77 17.38 45.27
C SER C 88 4.36 18.42 44.24
N GLN C 89 4.73 19.67 44.49
CA GLN C 89 4.41 20.79 43.61
C GLN C 89 4.83 20.67 42.16
N VAL C 90 6.15 20.64 41.92
CA VAL C 90 6.66 20.55 40.56
C VAL C 90 5.96 19.49 39.73
N ILE C 91 5.51 18.43 40.40
CA ILE C 91 4.83 17.34 39.71
C ILE C 91 3.57 17.88 39.01
N ASN C 92 2.78 18.64 39.76
CA ASN C 92 1.55 19.25 39.25
C ASN C 92 1.89 20.18 38.09
N THR C 93 2.80 21.12 38.34
CA THR C 93 3.23 22.07 37.34
C THR C 93 3.52 21.37 36.00
N LEU C 94 4.22 20.25 36.06
CA LEU C 94 4.55 19.50 34.86
C LEU C 94 3.33 18.72 34.39
N MET C 95 2.47 18.35 35.34
CA MET C 95 1.27 17.60 34.99
C MET C 95 0.25 18.45 34.22
N GLU C 96 -0.06 19.64 34.73
CA GLU C 96 -1.01 20.51 34.05
C GLU C 96 -0.49 20.74 32.63
N ARG C 97 0.80 21.07 32.54
CA ARG C 97 1.45 21.29 31.24
C ARG C 97 1.12 20.09 30.35
N PHE C 98 1.06 18.89 30.94
CA PHE C 98 0.73 17.69 30.16
C PHE C 98 -0.70 17.78 29.65
N LEU C 99 -1.60 18.24 30.53
CA LEU C 99 -3.01 18.39 30.20
C LEU C 99 -3.17 19.39 29.04
N LYS C 100 -2.56 20.55 29.22
CA LYS C 100 -2.62 21.62 28.24
C LYS C 100 -2.28 21.12 26.85
N ALA C 101 -1.10 20.53 26.72
CA ALA C 101 -0.60 20.02 25.44
C ALA C 101 -1.20 18.71 24.90
N TYR C 102 -1.66 17.82 25.77
CA TYR C 102 -2.21 16.55 25.26
C TYR C 102 -3.65 16.15 25.56
N VAL C 103 -4.36 16.94 26.36
CA VAL C 103 -5.73 16.55 26.65
C VAL C 103 -6.78 17.64 26.35
N GLU C 104 -6.46 18.88 26.70
CA GLU C 104 -7.37 20.03 26.48
C GLU C 104 -7.61 20.39 25.03
N CYS C 105 -8.88 20.56 24.66
CA CYS C 105 -9.28 20.93 23.30
C CYS C 105 -8.89 22.38 23.05
N SER C 106 -8.41 22.70 21.85
CA SER C 106 -8.00 24.07 21.53
C SER C 106 -9.22 24.99 21.32
N THR C 107 -10.21 24.44 20.64
CA THR C 107 -11.46 25.10 20.33
C THR C 107 -12.25 25.53 21.56
N CYS C 108 -12.46 24.63 22.52
CA CYS C 108 -13.24 25.00 23.72
C CYS C 108 -12.66 24.65 25.09
N LYS C 109 -11.56 23.89 25.11
CA LYS C 109 -10.90 23.53 26.38
C LYS C 109 -11.56 22.45 27.27
N SER C 110 -12.40 21.61 26.68
CA SER C 110 -13.16 20.58 27.41
C SER C 110 -12.42 19.60 28.31
N LEU C 111 -11.31 19.04 27.85
CA LEU C 111 -10.59 18.04 28.62
C LEU C 111 -11.34 16.72 28.44
N ASP C 112 -12.45 16.75 27.71
CA ASP C 112 -13.22 15.54 27.45
C ASP C 112 -12.79 15.03 26.10
N THR C 113 -11.56 14.53 25.99
CA THR C 113 -11.06 14.10 24.69
C THR C 113 -10.42 12.72 24.51
N ILE C 114 -10.21 12.37 23.23
CA ILE C 114 -9.57 11.13 22.80
C ILE C 114 -8.16 11.54 22.33
N LEU C 115 -7.39 10.59 21.82
CA LEU C 115 -6.04 10.86 21.34
C LEU C 115 -5.67 9.92 20.19
N LYS C 116 -5.99 10.33 18.96
CA LYS C 116 -5.70 9.53 17.76
C LYS C 116 -4.22 9.37 17.54
N LYS C 117 -3.89 8.53 16.57
CA LYS C 117 -2.51 8.28 16.20
C LYS C 117 -2.56 7.70 14.80
N GLU C 118 -1.59 8.11 14.00
CA GLU C 118 -1.50 7.65 12.63
C GLU C 118 -0.02 7.56 12.40
N LYS C 119 0.39 7.34 11.16
CA LYS C 119 1.81 7.22 10.88
C LYS C 119 2.63 8.11 11.83
N LYS C 120 2.59 9.42 11.65
CA LYS C 120 3.36 10.27 12.55
C LYS C 120 2.64 11.52 13.01
N SER C 121 1.31 11.43 13.09
CA SER C 121 0.53 12.56 13.53
C SER C 121 -0.55 12.16 14.50
N TRP C 122 -0.46 12.64 15.74
CA TRP C 122 -1.47 12.33 16.75
C TRP C 122 -2.42 13.51 16.87
N TYR C 123 -3.67 13.25 17.22
CA TYR C 123 -4.63 14.33 17.36
C TYR C 123 -5.53 14.19 18.57
N ILE C 124 -5.85 15.33 19.18
CA ILE C 124 -6.72 15.39 20.33
C ILE C 124 -8.11 15.44 19.72
N VAL C 125 -9.05 14.65 20.21
CA VAL C 125 -10.39 14.67 19.62
C VAL C 125 -11.49 14.90 20.65
N CYS C 126 -12.04 16.12 20.63
CA CYS C 126 -13.08 16.54 21.56
C CYS C 126 -14.40 15.80 21.45
N LEU C 127 -14.92 15.37 22.58
CA LEU C 127 -16.18 14.63 22.62
C LEU C 127 -17.33 15.60 22.72
N ALA C 128 -16.99 16.87 23.00
CA ALA C 128 -17.97 17.95 23.11
C ALA C 128 -18.05 18.72 21.80
N CYS C 129 -17.02 19.55 21.55
CA CYS C 129 -16.98 20.39 20.35
C CYS C 129 -16.72 19.63 19.05
N GLY C 130 -16.04 18.50 19.14
CA GLY C 130 -15.76 17.71 17.94
C GLY C 130 -14.49 18.03 17.17
N ALA C 131 -13.70 19.00 17.62
CA ALA C 131 -12.47 19.39 16.92
C ALA C 131 -11.20 18.58 17.27
N GLN C 132 -10.21 18.63 16.37
CA GLN C 132 -8.99 17.86 16.53
C GLN C 132 -7.68 18.62 16.65
N THR C 133 -7.19 18.85 17.86
CA THR C 133 -5.91 19.55 18.04
C THR C 133 -4.68 18.67 17.71
N PRO C 134 -4.03 18.90 16.57
CA PRO C 134 -2.86 18.07 16.22
C PRO C 134 -1.74 18.29 17.23
N VAL C 135 -1.22 17.20 17.78
CA VAL C 135 -0.16 17.26 18.77
C VAL C 135 1.09 16.51 18.35
N LYS C 136 2.23 17.00 18.85
CA LYS C 136 3.55 16.42 18.57
C LYS C 136 3.71 15.01 19.16
N PRO C 137 3.47 13.96 18.36
CA PRO C 137 3.60 12.57 18.83
C PRO C 137 4.82 12.29 19.68
N LEU C 138 4.63 12.25 20.98
CA LEU C 138 5.68 11.98 21.96
C LEU C 138 4.98 11.69 23.30
P PO4 D . -7.39 11.29 -0.02
O1 PO4 D . -8.31 12.54 -0.53
O2 PO4 D . -7.69 10.05 -0.95
O3 PO4 D . -5.88 11.67 -0.11
O4 PO4 D . -7.79 10.95 1.44
PB GDP E . -10.75 6.98 4.40
O1B GDP E . -11.02 8.41 4.23
O2B GDP E . -11.84 6.07 3.98
O3B GDP E . -9.63 6.36 3.54
O3A GDP E . -10.69 6.68 6.10
PA GDP E . -9.63 7.45 7.13
O1A GDP E . -9.03 6.23 7.76
O2A GDP E . -8.66 8.45 6.64
O5' GDP E . -10.73 8.01 8.19
C5' GDP E . -11.57 9.16 8.04
C4' GDP E . -11.64 10.01 9.36
O4' GDP E . -12.53 9.54 10.44
C3' GDP E . -10.32 10.17 10.15
O3' GDP E . -10.48 11.46 10.81
C2' GDP E . -10.35 9.03 11.17
O2' GDP E . -9.49 9.21 12.29
C1' GDP E . -11.81 8.99 11.54
N9 GDP E . -12.32 7.59 11.79
C8 GDP E . -12.08 6.39 11.17
N7 GDP E . -12.73 5.38 11.68
C5 GDP E . -13.45 5.92 12.73
C6 GDP E . -14.37 5.35 13.67
O6 GDP E . -14.71 4.15 13.76
N1 GDP E . -14.89 6.30 14.58
C2 GDP E . -14.60 7.64 14.59
N2 GDP E . -15.19 8.36 15.53
N3 GDP E . -13.74 8.21 13.71
C4 GDP E . -13.22 7.31 12.82
ZN ZN F . -13.66 21.18 22.28
#